data_6EJB
#
_entry.id   6EJB
#
_cell.length_a   67.475
_cell.length_b   86.694
_cell.length_c   152.642
_cell.angle_alpha   90.000
_cell.angle_beta   90.000
_cell.angle_gamma   90.000
#
_symmetry.space_group_name_H-M   'P 21 21 21'
#
loop_
_entity.id
_entity.type
_entity.pdbx_description
1 polymer 'Xylosyltransferase 1'
2 polymer 'Protein AMBP'
3 non-polymer 'PHOSPHATE ION'
4 water water
#
loop_
_entity_poly.entity_id
_entity_poly.type
_entity_poly.pdbx_seq_one_letter_code
_entity_poly.pdbx_strand_id
1 'polypeptide(L)'
;APLVHHHHHHALDENLYFQGALADVSRPPHARKTGGSSPETKYDQPPKCDISGKEAISALSRAKSKHCRQEIGETYCRHK
LGLLMPEKVTRFCPLEGKANKNVQWDEDSVEYMPANPVRIAFVLVVHGRASRQLQRMFKAIYHKDHFYYIHVDKRSNYLH
RQVLQVSRQYSNVRVTPWRMATIWGGASLLSTYLQSMRDLLEMTDWPWDFFINLSAADYPIRTNDQLVAFLSRYRDMNFL
KSHGRDNARFIRKQGLDRLFLECDAHMWRLGDRRIPEGIAVDGGSDWFLLNRRFVEYVTFSTDDLVTKMKQFYSYTLLPA
ESFFHTVLENSPHCDTMVDNNLRITNWNRKLGCKCQYKHIVDWCGCSPNDFKPQDFHRFQQTARPTFFARKFEAVVNQEI
IGQLDYYLYGNYPAGTPGLRSYWENVYDEPDGIHSLSDVTLTLYHSFARLGLRRAETSLHTDGENSCRYYPMGHPASVHL
YFLADRFQGFLIKHHATNLAVSKLETLETWVMPKKVFKIASPPSDFGRLQFSEVGTDWDAKERLFRNFGGLLGPMDEPVG
MQKWGKGPNVTVTVIWVDPVNVIAATYDILIESTAEFTHYKPPLNLPLRPGVWTVKILHHWVPVAETKFLVAPLTFSNRQ
PIKPEEALKLHNGPLRNAYMEQSFQSLNPVLSLPINPAQVEQARRNAASTGTALEGWLDSLVGGMWTAMDICATGPTACP
VMQTCSQTAWSSFSPDPKSELGAVKPDGRLR
;
A
2 'polypeptide(L)' QEEEGSAGGQGG B
#
loop_
_chem_comp.id
_chem_comp.type
_chem_comp.name
_chem_comp.formula
PO4 non-polymer 'PHOSPHATE ION' 'O4 P -3'
#
# COMPACT_ATOMS: atom_id res chain seq x y z
N ASP A 44 11.99 6.97 35.44
CA ASP A 44 12.96 6.48 34.47
C ASP A 44 14.21 5.97 35.18
N GLN A 45 14.14 4.75 35.71
CA GLN A 45 15.27 4.17 36.42
C GLN A 45 16.39 3.81 35.44
N PRO A 46 17.64 3.87 35.87
CA PRO A 46 18.76 3.54 34.97
C PRO A 46 18.74 2.06 34.61
N PRO A 47 19.58 1.65 33.66
CA PRO A 47 19.60 0.24 33.25
C PRO A 47 20.32 -0.63 34.26
N LYS A 48 20.25 -1.94 34.01
CA LYS A 48 20.93 -2.93 34.84
C LYS A 48 22.38 -3.14 34.42
N CYS A 49 22.82 -2.51 33.33
CA CYS A 49 24.20 -2.64 32.87
C CYS A 49 24.58 -1.36 32.16
N ASP A 50 25.88 -1.09 32.12
CA ASP A 50 26.39 0.07 31.40
C ASP A 50 26.20 -0.14 29.90
N ILE A 51 25.47 0.77 29.26
CA ILE A 51 25.16 0.68 27.84
C ILE A 51 26.06 1.65 27.09
N SER A 52 26.99 1.11 26.30
CA SER A 52 28.01 1.90 25.64
C SER A 52 28.04 1.72 24.13
N GLY A 53 27.15 0.89 23.57
CA GLY A 53 27.18 0.64 22.13
C GLY A 53 26.54 1.77 21.34
N LYS A 54 27.22 2.20 20.28
CA LYS A 54 26.70 3.27 19.44
C LYS A 54 25.29 2.94 18.94
N GLU A 55 25.10 1.71 18.46
CA GLU A 55 23.79 1.31 17.94
C GLU A 55 22.74 1.32 19.04
N ALA A 56 23.06 0.74 20.19
CA ALA A 56 22.08 0.66 21.28
C ALA A 56 21.72 2.04 21.81
N ILE A 57 22.70 2.93 21.93
CA ILE A 57 22.43 4.27 22.44
C ILE A 57 21.62 5.07 21.43
N SER A 58 21.94 4.93 20.14
CA SER A 58 21.16 5.61 19.10
C SER A 58 19.70 5.20 19.15
N ALA A 59 19.41 3.94 19.50
CA ALA A 59 18.03 3.49 19.60
C ALA A 59 17.37 4.04 20.86
N LEU A 60 18.09 4.02 21.99
CA LEU A 60 17.54 4.57 23.23
C LEU A 60 17.11 6.01 23.06
N SER A 61 17.80 6.78 22.22
CA SER A 61 17.47 8.19 22.04
C SER A 61 16.19 8.35 21.20
N ARG A 62 16.17 7.76 20.01
CA ARG A 62 15.04 7.94 19.11
C ARG A 62 13.75 7.32 19.65
N ALA A 63 13.85 6.38 20.59
CA ALA A 63 12.66 5.72 21.10
C ALA A 63 11.74 6.71 21.80
N LYS A 64 10.43 6.44 21.72
CA LYS A 64 9.42 7.34 22.26
C LYS A 64 8.91 6.88 23.62
N SER A 65 8.32 5.70 23.69
CA SER A 65 7.68 5.23 24.91
C SER A 65 8.72 4.76 25.92
N LYS A 66 8.39 4.94 27.21
CA LYS A 66 9.25 4.45 28.28
C LYS A 66 9.36 2.93 28.23
N HIS A 67 8.23 2.24 28.05
CA HIS A 67 8.25 0.79 27.89
C HIS A 67 9.25 0.37 26.82
N CYS A 68 9.35 1.15 25.74
CA CYS A 68 10.27 0.80 24.66
C CYS A 68 11.71 1.06 25.04
N ARG A 69 11.96 2.00 25.95
CA ARG A 69 13.34 2.24 26.39
C ARG A 69 13.84 1.12 27.28
N GLN A 70 13.01 0.66 28.23
CA GLN A 70 13.43 -0.39 29.14
C GLN A 70 13.58 -1.73 28.42
N GLU A 71 12.67 -2.03 27.48
CA GLU A 71 12.77 -3.28 26.74
C GLU A 71 14.03 -3.32 25.89
N ILE A 72 14.53 -2.15 25.48
CA ILE A 72 15.79 -2.10 24.73
C ILE A 72 16.97 -2.37 25.67
N GLY A 73 16.98 -1.70 26.83
CA GLY A 73 18.06 -1.93 27.78
C GLY A 73 18.14 -3.37 28.25
N GLU A 74 16.98 -3.97 28.53
CA GLU A 74 16.96 -5.37 28.96
C GLU A 74 17.55 -6.28 27.89
N THR A 75 17.12 -6.10 26.64
CA THR A 75 17.66 -6.90 25.54
C THR A 75 19.17 -6.71 25.42
N TYR A 76 19.64 -5.47 25.54
CA TYR A 76 21.07 -5.19 25.39
C TYR A 76 21.89 -5.81 26.52
N CYS A 77 21.39 -5.72 27.76
CA CYS A 77 22.15 -6.23 28.89
C CYS A 77 22.17 -7.76 28.91
N ARG A 78 21.11 -8.40 28.43
CA ARG A 78 21.10 -9.86 28.37
C ARG A 78 22.14 -10.37 27.38
N HIS A 79 22.22 -9.74 26.21
CA HIS A 79 23.20 -10.15 25.21
C HIS A 79 24.63 -9.80 25.63
N LYS A 80 24.79 -8.69 26.36
CA LYS A 80 26.11 -8.33 26.86
C LYS A 80 26.66 -9.40 27.79
N LEU A 81 25.78 -9.99 28.61
CA LEU A 81 26.17 -11.07 29.51
C LEU A 81 26.22 -12.43 28.81
N GLY A 82 25.96 -12.48 27.51
CA GLY A 82 25.98 -13.75 26.80
C GLY A 82 24.89 -14.71 27.26
N LEU A 83 23.68 -14.20 27.48
CA LEU A 83 22.56 -15.02 27.93
C LEU A 83 21.35 -14.94 27.02
N LEU A 84 21.44 -14.25 25.89
CA LEU A 84 20.30 -14.04 24.99
C LEU A 84 20.36 -14.94 23.76
N MET A 85 21.46 -14.90 23.01
CA MET A 85 21.60 -15.64 21.76
C MET A 85 22.34 -16.95 21.99
N PRO A 86 21.91 -18.05 21.37
CA PRO A 86 22.69 -19.29 21.47
C PRO A 86 23.99 -19.21 20.69
N GLU A 87 24.98 -19.98 21.13
CA GLU A 87 26.31 -19.95 20.54
C GLU A 87 26.59 -21.13 19.62
N LYS A 88 26.08 -22.31 19.94
CA LYS A 88 26.25 -23.49 19.09
C LYS A 88 24.95 -24.28 19.07
N VAL A 89 24.71 -24.98 17.96
CA VAL A 89 23.44 -25.67 17.73
C VAL A 89 23.72 -27.05 17.15
N THR A 90 22.86 -28.01 17.49
CA THR A 90 22.97 -29.35 16.98
C THR A 90 22.32 -29.47 15.61
N ARG A 91 23.01 -30.15 14.69
CA ARG A 91 22.52 -30.42 13.35
C ARG A 91 22.15 -31.90 13.27
N PHE A 92 20.88 -32.17 12.98
CA PHE A 92 20.37 -33.53 12.92
C PHE A 92 20.33 -34.09 11.50
N CYS A 93 20.69 -33.30 10.50
CA CYS A 93 20.61 -33.76 9.13
C CYS A 93 21.73 -34.77 8.86
N PRO A 94 21.43 -35.96 8.32
CA PRO A 94 22.51 -36.92 8.03
C PRO A 94 23.28 -36.63 6.77
N LEU A 95 22.81 -35.71 5.92
CA LEU A 95 23.44 -35.45 4.64
C LEU A 95 24.73 -34.66 4.81
N GLU A 96 25.52 -34.64 3.74
CA GLU A 96 26.76 -33.87 3.74
C GLU A 96 26.47 -32.37 3.67
N GLY A 97 25.43 -31.98 2.93
CA GLY A 97 25.07 -30.58 2.80
C GLY A 97 23.61 -30.40 2.42
N LYS A 98 23.36 -29.78 1.27
CA LYS A 98 22.01 -29.55 0.78
C LYS A 98 21.63 -30.64 -0.20
N ALA A 99 20.35 -31.03 -0.17
CA ALA A 99 19.86 -32.14 -1.02
C ALA A 99 19.41 -31.60 -2.38
N ASN A 100 18.30 -30.89 -2.41
CA ASN A 100 17.72 -30.34 -3.63
C ASN A 100 17.26 -31.47 -4.57
N LYS A 101 16.21 -32.18 -4.16
CA LYS A 101 15.59 -33.16 -5.04
C LYS A 101 14.91 -32.44 -6.21
N ASN A 102 15.14 -32.94 -7.42
CA ASN A 102 14.67 -32.27 -8.63
C ASN A 102 13.23 -32.67 -8.95
N VAL A 103 12.54 -31.77 -9.65
CA VAL A 103 11.22 -32.07 -10.20
C VAL A 103 11.28 -31.82 -11.71
N GLN A 104 12.12 -32.59 -12.40
CA GLN A 104 12.25 -32.49 -13.85
C GLN A 104 10.87 -32.40 -14.48
N TRP A 105 10.52 -31.21 -14.99
CA TRP A 105 9.13 -30.87 -15.28
C TRP A 105 8.76 -31.24 -16.71
N ASP A 106 7.70 -32.03 -16.84
CA ASP A 106 7.04 -32.28 -18.12
C ASP A 106 5.59 -31.85 -18.00
N GLU A 107 5.10 -31.12 -19.00
CA GLU A 107 3.75 -30.57 -18.93
C GLU A 107 2.71 -31.64 -18.63
N ASP A 108 2.99 -32.89 -18.97
CA ASP A 108 2.05 -33.99 -18.69
C ASP A 108 1.98 -34.34 -17.20
N SER A 109 2.72 -33.64 -16.34
CA SER A 109 2.70 -33.92 -14.91
C SER A 109 1.53 -33.27 -14.19
N VAL A 110 0.75 -32.41 -14.86
CA VAL A 110 -0.34 -31.69 -14.22
C VAL A 110 -1.66 -31.93 -14.96
N GLU A 111 -1.77 -33.04 -15.68
CA GLU A 111 -2.94 -33.34 -16.49
C GLU A 111 -3.81 -34.44 -15.92
N TYR A 112 -3.24 -35.38 -15.16
CA TYR A 112 -3.98 -36.52 -14.67
C TYR A 112 -4.96 -36.11 -13.58
N MET A 113 -5.89 -37.03 -13.26
CA MET A 113 -6.82 -36.84 -12.15
C MET A 113 -6.29 -37.58 -10.93
N PRO A 114 -6.11 -36.93 -9.79
CA PRO A 114 -5.67 -37.66 -8.59
C PRO A 114 -6.82 -38.42 -7.95
N ALA A 115 -6.54 -39.67 -7.58
CA ALA A 115 -7.51 -40.46 -6.83
C ALA A 115 -7.55 -40.07 -5.36
N ASN A 116 -6.51 -39.42 -4.85
CA ASN A 116 -6.44 -38.97 -3.47
C ASN A 116 -5.87 -37.56 -3.47
N PRO A 117 -6.67 -36.56 -3.83
CA PRO A 117 -6.15 -35.20 -3.95
C PRO A 117 -5.86 -34.57 -2.59
N VAL A 118 -4.86 -33.69 -2.57
CA VAL A 118 -4.47 -32.99 -1.36
C VAL A 118 -5.47 -31.87 -1.08
N ARG A 119 -5.63 -31.56 0.21
CA ARG A 119 -6.45 -30.45 0.65
C ARG A 119 -5.52 -29.39 1.27
N ILE A 120 -5.63 -28.17 0.79
CA ILE A 120 -4.68 -27.10 1.10
C ILE A 120 -5.26 -26.22 2.19
N ALA A 121 -4.36 -25.70 3.04
CA ALA A 121 -4.68 -24.68 4.03
C ALA A 121 -4.02 -23.39 3.55
N PHE A 122 -4.82 -22.50 2.97
CA PHE A 122 -4.31 -21.21 2.53
C PHE A 122 -4.30 -20.23 3.69
N VAL A 123 -3.15 -19.61 3.93
CA VAL A 123 -2.99 -18.60 4.97
C VAL A 123 -2.75 -17.27 4.28
N LEU A 124 -3.70 -16.35 4.42
CA LEU A 124 -3.64 -15.05 3.75
C LEU A 124 -3.27 -13.99 4.77
N VAL A 125 -2.12 -13.35 4.57
CA VAL A 125 -1.65 -12.27 5.44
C VAL A 125 -1.86 -10.97 4.68
N VAL A 126 -2.89 -10.22 5.07
CA VAL A 126 -3.41 -9.13 4.27
C VAL A 126 -3.33 -7.83 5.05
N HIS A 127 -3.27 -6.72 4.32
CA HIS A 127 -3.27 -5.39 4.91
C HIS A 127 -3.52 -4.37 3.81
N GLY A 128 -4.29 -3.32 4.14
CA GLY A 128 -4.51 -2.23 3.21
C GLY A 128 -5.97 -1.91 2.99
N ARG A 129 -6.29 -1.34 1.83
CA ARG A 129 -7.65 -0.94 1.49
C ARG A 129 -8.25 -1.73 0.33
N ALA A 130 -7.46 -2.57 -0.34
CA ALA A 130 -7.89 -3.21 -1.59
C ALA A 130 -8.77 -4.42 -1.32
N SER A 131 -9.90 -4.18 -0.66
CA SER A 131 -10.80 -5.27 -0.30
C SER A 131 -11.39 -5.95 -1.53
N ARG A 132 -11.67 -5.19 -2.59
CA ARG A 132 -12.28 -5.77 -3.78
C ARG A 132 -11.28 -6.63 -4.54
N GLN A 133 -10.03 -6.17 -4.65
CA GLN A 133 -9.01 -6.98 -5.31
C GLN A 133 -8.78 -8.29 -4.56
N LEU A 134 -8.71 -8.24 -3.23
CA LEU A 134 -8.55 -9.46 -2.44
C LEU A 134 -9.74 -10.40 -2.65
N GLN A 135 -10.94 -9.84 -2.77
CA GLN A 135 -12.12 -10.66 -3.04
C GLN A 135 -12.04 -11.31 -4.42
N ARG A 136 -11.42 -10.62 -5.39
CA ARG A 136 -11.26 -11.20 -6.72
C ARG A 136 -10.29 -12.38 -6.68
N MET A 137 -9.16 -12.22 -6.00
CA MET A 137 -8.18 -13.30 -5.92
C MET A 137 -8.72 -14.48 -5.10
N PHE A 138 -9.38 -14.19 -3.99
CA PHE A 138 -10.00 -15.25 -3.21
C PHE A 138 -10.99 -16.05 -4.06
N LYS A 139 -11.68 -15.37 -4.97
CA LYS A 139 -12.64 -16.03 -5.85
C LYS A 139 -11.93 -16.97 -6.82
N ALA A 140 -10.70 -16.65 -7.20
CA ALA A 140 -9.98 -17.45 -8.19
C ALA A 140 -9.31 -18.67 -7.58
N ILE A 141 -8.98 -18.64 -6.28
CA ILE A 141 -8.29 -19.75 -5.63
C ILE A 141 -9.22 -20.59 -4.76
N TYR A 142 -10.51 -20.31 -4.76
CA TYR A 142 -11.42 -20.98 -3.84
C TYR A 142 -11.81 -22.35 -4.35
N HIS A 143 -11.82 -23.32 -3.42
CA HIS A 143 -12.47 -24.61 -3.66
C HIS A 143 -12.96 -25.13 -2.31
N LYS A 144 -14.13 -25.76 -2.30
CA LYS A 144 -14.74 -26.14 -1.04
C LYS A 144 -13.87 -27.13 -0.27
N ASP A 145 -13.09 -27.95 -0.96
CA ASP A 145 -12.25 -28.94 -0.31
C ASP A 145 -11.08 -28.32 0.45
N HIS A 146 -10.75 -27.06 0.21
CA HIS A 146 -9.62 -26.41 0.83
C HIS A 146 -10.06 -25.61 2.05
N PHE A 147 -9.11 -24.90 2.66
CA PHE A 147 -9.33 -24.14 3.88
C PHE A 147 -8.59 -22.82 3.78
N TYR A 148 -9.13 -21.79 4.45
CA TYR A 148 -8.63 -20.43 4.30
C TYR A 148 -8.60 -19.77 5.67
N TYR A 149 -7.41 -19.36 6.11
CA TYR A 149 -7.19 -18.77 7.42
C TYR A 149 -6.53 -17.40 7.21
N ILE A 150 -7.27 -16.34 7.52
CA ILE A 150 -6.90 -14.98 7.12
C ILE A 150 -6.49 -14.18 8.34
N HIS A 151 -5.31 -13.57 8.28
CA HIS A 151 -4.81 -12.68 9.31
C HIS A 151 -4.74 -11.27 8.75
N VAL A 152 -5.47 -10.35 9.36
CA VAL A 152 -5.53 -8.96 8.92
C VAL A 152 -4.69 -8.11 9.87
N ASP A 153 -3.87 -7.23 9.30
CA ASP A 153 -3.05 -6.35 10.12
C ASP A 153 -3.92 -5.56 11.09
N LYS A 154 -3.38 -5.33 12.29
CA LYS A 154 -4.10 -4.56 13.31
C LYS A 154 -4.38 -3.14 12.83
N ARG A 155 -3.54 -2.61 11.94
CA ARG A 155 -3.73 -1.25 11.45
C ARG A 155 -4.91 -1.12 10.48
N SER A 156 -5.38 -2.22 9.90
CA SER A 156 -6.35 -2.18 8.82
C SER A 156 -7.69 -2.72 9.30
N ASN A 157 -8.41 -1.89 10.04
CA ASN A 157 -9.72 -2.30 10.56
C ASN A 157 -10.78 -2.34 9.46
N TYR A 158 -10.71 -1.41 8.50
CA TYR A 158 -11.68 -1.45 7.40
C TYR A 158 -11.59 -2.77 6.65
N LEU A 159 -10.38 -3.16 6.25
CA LEU A 159 -10.19 -4.43 5.56
C LEU A 159 -10.68 -5.61 6.40
N HIS A 160 -10.48 -5.52 7.72
CA HIS A 160 -10.90 -6.60 8.61
C HIS A 160 -12.43 -6.76 8.62
N ARG A 161 -13.15 -5.63 8.66
CA ARG A 161 -14.61 -5.71 8.67
C ARG A 161 -15.12 -6.40 7.41
N GLN A 162 -14.45 -6.18 6.28
CA GLN A 162 -14.86 -6.81 5.03
C GLN A 162 -14.53 -8.30 5.04
N VAL A 163 -13.33 -8.67 5.53
CA VAL A 163 -12.95 -10.07 5.57
C VAL A 163 -13.88 -10.86 6.48
N LEU A 164 -14.40 -10.23 7.53
CA LEU A 164 -15.34 -10.92 8.42
C LEU A 164 -16.59 -11.34 7.66
N GLN A 165 -17.11 -10.48 6.80
CA GLN A 165 -18.31 -10.83 6.03
C GLN A 165 -18.08 -12.03 5.13
N VAL A 166 -16.82 -12.31 4.76
CA VAL A 166 -16.54 -13.48 3.94
C VAL A 166 -16.46 -14.73 4.81
N SER A 167 -15.78 -14.64 5.96
CA SER A 167 -15.68 -15.79 6.85
C SER A 167 -17.05 -16.25 7.35
N ARG A 168 -18.05 -15.36 7.35
CA ARG A 168 -19.37 -15.71 7.82
C ARG A 168 -20.20 -16.45 6.78
N GLN A 169 -19.82 -16.38 5.50
CA GLN A 169 -20.58 -17.03 4.44
C GLN A 169 -20.15 -18.46 4.20
N TYR A 170 -18.89 -18.80 4.46
CA TYR A 170 -18.32 -20.09 4.10
C TYR A 170 -17.76 -20.78 5.33
N SER A 171 -18.05 -22.07 5.46
CA SER A 171 -17.63 -22.82 6.63
C SER A 171 -16.15 -23.16 6.62
N ASN A 172 -15.50 -23.08 5.45
CA ASN A 172 -14.07 -23.31 5.33
C ASN A 172 -13.27 -22.00 5.24
N VAL A 173 -13.77 -20.95 5.89
CA VAL A 173 -13.08 -19.67 5.94
C VAL A 173 -13.16 -19.14 7.36
N ARG A 174 -12.01 -18.76 7.92
CA ARG A 174 -11.92 -18.25 9.28
C ARG A 174 -10.89 -17.13 9.35
N VAL A 175 -11.06 -16.27 10.34
CA VAL A 175 -10.15 -15.16 10.59
C VAL A 175 -9.45 -15.38 11.92
N THR A 176 -8.20 -14.94 11.99
CA THR A 176 -7.41 -15.11 13.21
C THR A 176 -7.94 -14.18 14.29
N PRO A 177 -8.33 -14.68 15.46
CA PRO A 177 -8.80 -13.77 16.53
C PRO A 177 -7.71 -12.81 16.98
N TRP A 178 -6.45 -13.18 16.81
CA TRP A 178 -5.31 -12.35 17.17
C TRP A 178 -4.81 -11.61 15.93
N ARG A 179 -4.33 -10.39 16.15
CA ARG A 179 -3.90 -9.52 15.04
C ARG A 179 -2.69 -8.72 15.48
N MET A 180 -1.63 -8.78 14.69
CA MET A 180 -0.37 -8.10 14.98
C MET A 180 -0.10 -7.05 13.92
N ALA A 181 0.68 -6.04 14.31
CA ALA A 181 1.11 -5.00 13.38
C ALA A 181 2.34 -5.52 12.64
N THR A 182 2.11 -6.17 11.51
CA THR A 182 3.18 -6.82 10.75
C THR A 182 3.86 -5.79 9.86
N ILE A 183 4.69 -4.95 10.48
CA ILE A 183 5.50 -4.01 9.74
C ILE A 183 6.47 -4.76 8.83
N TRP A 184 6.93 -4.07 7.79
CA TRP A 184 7.90 -4.66 6.87
C TRP A 184 9.18 -5.00 7.63
N GLY A 185 9.71 -6.19 7.37
CA GLY A 185 10.91 -6.67 8.03
C GLY A 185 10.74 -7.04 9.49
N GLY A 186 9.57 -6.80 10.07
CA GLY A 186 9.40 -7.04 11.49
C GLY A 186 9.46 -8.52 11.84
N ALA A 187 10.02 -8.79 13.02
CA ALA A 187 10.07 -10.16 13.51
C ALA A 187 8.69 -10.73 13.80
N SER A 188 7.68 -9.87 13.91
CA SER A 188 6.32 -10.34 14.19
C SER A 188 5.75 -11.18 13.07
N LEU A 189 6.33 -11.12 11.87
CA LEU A 189 5.80 -11.91 10.76
C LEU A 189 5.99 -13.39 11.01
N LEU A 190 7.19 -13.80 11.45
CA LEU A 190 7.40 -15.20 11.78
C LEU A 190 6.51 -15.64 12.95
N SER A 191 6.28 -14.74 13.91
CA SER A 191 5.37 -15.04 15.00
C SER A 191 3.94 -15.21 14.49
N THR A 192 3.59 -14.50 13.43
CA THR A 192 2.26 -14.69 12.82
C THR A 192 2.16 -16.07 12.18
N TYR A 193 3.18 -16.45 11.39
CA TYR A 193 3.17 -17.76 10.74
C TYR A 193 3.18 -18.89 11.77
N LEU A 194 4.09 -18.82 12.74
CA LEU A 194 4.23 -19.90 13.71
C LEU A 194 2.95 -20.09 14.53
N GLN A 195 2.22 -19.01 14.80
CA GLN A 195 0.98 -19.13 15.54
C GLN A 195 -0.11 -19.77 14.69
N SER A 196 -0.24 -19.33 13.44
CA SER A 196 -1.28 -19.87 12.57
C SER A 196 -1.05 -21.36 12.29
N MET A 197 0.20 -21.80 12.28
CA MET A 197 0.50 -23.22 12.14
C MET A 197 0.03 -23.99 13.36
N ARG A 198 0.33 -23.47 14.55
CA ARG A 198 -0.21 -24.06 15.78
C ARG A 198 -1.74 -24.09 15.73
N ASP A 199 -2.37 -22.95 15.46
CA ASP A 199 -3.83 -22.89 15.41
C ASP A 199 -4.39 -23.85 14.36
N LEU A 200 -3.73 -23.96 13.21
CA LEU A 200 -4.24 -24.82 12.15
C LEU A 200 -4.09 -26.30 12.50
N LEU A 201 -2.97 -26.68 13.11
CA LEU A 201 -2.76 -28.08 13.48
C LEU A 201 -3.77 -28.54 14.52
N GLU A 202 -4.27 -27.62 15.34
CA GLU A 202 -5.24 -27.97 16.38
C GLU A 202 -6.67 -27.97 15.88
N MET A 203 -6.94 -27.40 14.70
CA MET A 203 -8.26 -27.49 14.10
C MET A 203 -8.47 -28.90 13.56
N THR A 204 -9.00 -29.78 14.40
CA THR A 204 -9.17 -31.18 14.03
C THR A 204 -10.04 -31.32 12.79
N ASP A 205 -11.12 -30.57 12.72
CA ASP A 205 -12.08 -30.67 11.61
C ASP A 205 -11.52 -30.15 10.27
N TRP A 206 -10.23 -29.81 10.16
CA TRP A 206 -9.62 -29.33 8.93
C TRP A 206 -8.45 -30.25 8.56
N PRO A 207 -8.70 -31.33 7.79
CA PRO A 207 -7.61 -32.24 7.38
C PRO A 207 -6.81 -31.74 6.18
N TRP A 208 -5.91 -30.78 6.45
CA TRP A 208 -5.10 -30.20 5.39
C TRP A 208 -3.78 -30.95 5.26
N ASP A 209 -3.19 -30.85 4.06
CA ASP A 209 -1.93 -31.51 3.75
C ASP A 209 -0.80 -30.55 3.44
N PHE A 210 -1.10 -29.38 2.88
CA PHE A 210 -0.09 -28.39 2.56
C PHE A 210 -0.44 -27.05 3.21
N PHE A 211 0.55 -26.16 3.22
CA PHE A 211 0.44 -24.86 3.85
C PHE A 211 1.01 -23.82 2.88
N ILE A 212 0.15 -22.93 2.39
CA ILE A 212 0.54 -21.91 1.45
C ILE A 212 0.23 -20.54 2.04
N ASN A 213 1.16 -19.61 1.92
CA ASN A 213 1.00 -18.25 2.41
C ASN A 213 0.91 -17.29 1.24
N LEU A 214 -0.10 -16.42 1.27
CA LEU A 214 -0.33 -15.47 0.19
C LEU A 214 -0.66 -14.10 0.78
N SER A 215 -0.28 -13.06 0.04
CA SER A 215 -0.65 -11.70 0.39
C SER A 215 -1.77 -11.22 -0.53
N ALA A 216 -2.27 -10.01 -0.27
CA ALA A 216 -3.29 -9.43 -1.13
C ALA A 216 -2.74 -9.01 -2.48
N ALA A 217 -1.42 -9.01 -2.66
CA ALA A 217 -0.80 -8.67 -3.94
C ALA A 217 -0.36 -9.92 -4.71
N ASP A 218 -0.74 -11.10 -4.26
CA ASP A 218 -0.47 -12.33 -4.99
C ASP A 218 -1.66 -12.71 -5.87
N TYR A 219 -1.37 -13.52 -6.90
CA TYR A 219 -2.43 -14.00 -7.78
C TYR A 219 -1.99 -15.31 -8.39
N PRO A 220 -2.89 -16.29 -8.57
CA PRO A 220 -2.47 -17.53 -9.24
C PRO A 220 -2.26 -17.33 -10.72
N ILE A 221 -1.31 -18.08 -11.27
CA ILE A 221 -1.04 -18.11 -12.70
C ILE A 221 -1.29 -19.49 -13.29
N ARG A 222 -1.94 -20.38 -12.53
CA ARG A 222 -2.38 -21.67 -13.05
C ARG A 222 -3.64 -22.07 -12.30
N THR A 223 -4.43 -22.95 -12.92
CA THR A 223 -5.72 -23.31 -12.36
C THR A 223 -5.56 -24.11 -11.08
N ASN A 224 -6.68 -24.26 -10.37
CA ASN A 224 -6.67 -25.03 -9.12
C ASN A 224 -6.51 -26.51 -9.39
N ASP A 225 -7.15 -27.03 -10.45
CA ASP A 225 -7.02 -28.44 -10.78
C ASP A 225 -5.56 -28.82 -11.00
N GLN A 226 -4.80 -27.97 -11.68
CA GLN A 226 -3.39 -28.27 -11.92
C GLN A 226 -2.58 -28.19 -10.63
N LEU A 227 -2.89 -27.22 -9.76
CA LEU A 227 -2.20 -27.12 -8.48
C LEU A 227 -2.36 -28.41 -7.68
N VAL A 228 -3.59 -28.90 -7.57
CA VAL A 228 -3.86 -30.10 -6.78
C VAL A 228 -3.17 -31.31 -7.37
N ALA A 229 -3.17 -31.41 -8.71
CA ALA A 229 -2.52 -32.56 -9.36
C ALA A 229 -1.01 -32.53 -9.11
N PHE A 230 -0.39 -31.36 -9.23
CA PHE A 230 1.05 -31.27 -9.02
C PHE A 230 1.43 -31.55 -7.56
N LEU A 231 0.68 -30.99 -6.61
CA LEU A 231 0.99 -31.22 -5.20
C LEU A 231 0.63 -32.62 -4.75
N SER A 232 -0.38 -33.23 -5.36
CA SER A 232 -0.74 -34.60 -5.01
C SER A 232 0.38 -35.57 -5.36
N ARG A 233 1.18 -35.25 -6.38
CA ARG A 233 2.27 -36.12 -6.80
C ARG A 233 3.54 -35.93 -5.97
N TYR A 234 3.66 -34.81 -5.27
CA TYR A 234 4.84 -34.50 -4.46
C TYR A 234 4.44 -34.09 -3.05
N ARG A 235 3.50 -34.83 -2.45
CA ARG A 235 2.95 -34.41 -1.17
C ARG A 235 3.92 -34.56 -0.01
N ASP A 236 5.06 -35.23 -0.22
CA ASP A 236 6.06 -35.39 0.83
C ASP A 236 7.22 -34.41 0.70
N MET A 237 7.09 -33.40 -0.14
CA MET A 237 8.16 -32.44 -0.38
C MET A 237 7.86 -31.12 0.32
N ASN A 238 8.90 -30.29 0.42
CA ASN A 238 8.81 -28.95 0.97
C ASN A 238 9.45 -27.98 -0.02
N PHE A 239 8.73 -26.90 -0.35
CA PHE A 239 9.10 -26.01 -1.45
C PHE A 239 9.56 -24.68 -0.87
N LEU A 240 10.88 -24.51 -0.82
CA LEU A 240 11.52 -23.27 -0.41
C LEU A 240 12.53 -22.86 -1.47
N LYS A 241 12.64 -21.56 -1.72
CA LYS A 241 13.56 -21.06 -2.73
C LYS A 241 14.72 -20.35 -2.06
N SER A 242 15.94 -20.79 -2.39
CA SER A 242 17.16 -20.24 -1.81
C SER A 242 17.72 -19.12 -2.67
N HIS A 243 18.62 -18.35 -2.07
CA HIS A 243 19.32 -17.30 -2.82
C HIS A 243 20.32 -17.91 -3.79
N GLY A 244 20.99 -19.00 -3.39
CA GLY A 244 21.94 -19.67 -4.24
C GLY A 244 23.23 -18.93 -4.50
N ARG A 245 23.29 -17.63 -4.20
CA ARG A 245 24.51 -16.85 -4.42
C ARG A 245 25.47 -17.07 -3.26
N ASP A 246 26.40 -16.13 -3.06
CA ASP A 246 27.35 -16.25 -1.97
C ASP A 246 26.63 -16.23 -0.63
N ASN A 247 26.99 -17.17 0.25
CA ASN A 247 26.31 -17.28 1.54
C ASN A 247 26.78 -16.19 2.51
N ALA A 248 28.08 -15.91 2.53
CA ALA A 248 28.60 -14.89 3.43
C ALA A 248 28.03 -13.52 3.10
N ARG A 249 27.92 -13.19 1.80
CA ARG A 249 27.33 -11.92 1.40
C ARG A 249 25.85 -11.86 1.72
N PHE A 250 25.14 -13.00 1.63
CA PHE A 250 23.74 -13.03 1.98
C PHE A 250 23.54 -12.73 3.47
N ILE A 251 24.43 -13.23 4.31
CA ILE A 251 24.33 -13.01 5.75
C ILE A 251 24.55 -11.54 6.08
N ARG A 252 25.59 -10.93 5.51
CA ARG A 252 25.87 -9.52 5.78
C ARG A 252 24.76 -8.62 5.24
N LYS A 253 24.30 -8.87 4.02
CA LYS A 253 23.27 -8.03 3.42
C LYS A 253 21.97 -8.13 4.20
N GLN A 254 21.61 -9.33 4.66
CA GLN A 254 20.40 -9.52 5.44
C GLN A 254 20.53 -9.03 6.88
N GLY A 255 21.74 -8.72 7.33
CA GLY A 255 21.93 -8.29 8.70
C GLY A 255 21.73 -9.39 9.72
N LEU A 256 21.88 -10.65 9.32
CA LEU A 256 21.63 -11.76 10.23
C LEU A 256 22.62 -11.79 11.40
N ASP A 257 23.77 -11.12 11.27
CA ASP A 257 24.71 -10.99 12.36
C ASP A 257 24.52 -9.69 13.15
N ARG A 258 23.32 -9.11 13.09
CA ARG A 258 22.98 -7.90 13.83
C ARG A 258 21.81 -8.21 14.75
N LEU A 259 21.83 -7.63 15.95
CA LEU A 259 20.71 -7.78 16.88
C LEU A 259 19.60 -6.81 16.49
N PHE A 260 18.37 -7.30 16.47
CA PHE A 260 17.22 -6.48 16.13
C PHE A 260 16.12 -6.69 17.16
N LEU A 261 15.33 -5.65 17.39
CA LEU A 261 14.22 -5.70 18.33
C LEU A 261 13.02 -5.01 17.70
N GLU A 262 11.85 -5.62 17.84
CA GLU A 262 10.60 -5.03 17.38
C GLU A 262 9.90 -4.39 18.57
N CYS A 263 9.62 -3.10 18.45
CA CYS A 263 8.96 -2.37 19.54
C CYS A 263 8.52 -1.01 19.02
N ASP A 264 7.37 -0.55 19.51
CA ASP A 264 6.75 0.68 19.00
C ASP A 264 6.64 0.65 17.48
N ALA A 265 6.40 -0.54 16.92
CA ALA A 265 6.26 -0.72 15.48
C ALA A 265 7.53 -0.27 14.75
N HIS A 266 8.69 -0.61 15.32
CA HIS A 266 9.97 -0.28 14.71
C HIS A 266 10.95 -1.42 14.98
N MET A 267 11.87 -1.62 14.03
CA MET A 267 12.93 -2.62 14.17
C MET A 267 14.22 -1.90 14.56
N TRP A 268 14.57 -1.99 15.84
CA TRP A 268 15.73 -1.30 16.38
C TRP A 268 16.98 -2.17 16.25
N ARG A 269 18.03 -1.62 15.65
CA ARG A 269 19.31 -2.30 15.53
C ARG A 269 20.14 -1.99 16.77
N LEU A 270 20.40 -3.01 17.58
CA LEU A 270 21.05 -2.82 18.87
C LEU A 270 22.55 -3.10 18.86
N GLY A 271 23.02 -4.04 18.04
CA GLY A 271 24.44 -4.34 18.02
C GLY A 271 24.82 -5.49 17.12
N ASP A 272 25.74 -6.33 17.60
CA ASP A 272 26.28 -7.45 16.84
C ASP A 272 25.97 -8.77 17.54
N ARG A 273 26.15 -9.85 16.79
CA ARG A 273 26.01 -11.19 17.34
C ARG A 273 26.72 -12.16 16.40
N ARG A 274 27.08 -13.32 16.95
CA ARG A 274 27.77 -14.34 16.17
C ARG A 274 26.75 -15.31 15.58
N ILE A 275 27.11 -15.91 14.46
CA ILE A 275 26.30 -16.95 13.83
C ILE A 275 26.55 -18.25 14.57
N PRO A 276 25.52 -18.91 15.11
CA PRO A 276 25.75 -20.15 15.87
C PRO A 276 26.60 -21.14 15.07
N GLU A 277 27.44 -21.87 15.79
CA GLU A 277 28.38 -22.80 15.18
C GLU A 277 27.77 -24.20 15.11
N GLY A 278 28.15 -24.92 14.07
CA GLY A 278 27.70 -26.29 13.90
C GLY A 278 26.45 -26.47 13.06
N ILE A 279 25.94 -25.41 12.45
CA ILE A 279 24.75 -25.49 11.61
C ILE A 279 24.99 -24.67 10.35
N ALA A 280 24.21 -25.00 9.31
CA ALA A 280 24.22 -24.25 8.07
C ALA A 280 23.10 -23.23 8.08
N VAL A 281 23.37 -22.05 7.57
CA VAL A 281 22.42 -20.94 7.54
C VAL A 281 22.13 -20.60 6.08
N ASP A 282 20.86 -20.66 5.71
CA ASP A 282 20.43 -20.40 4.35
C ASP A 282 19.15 -19.57 4.37
N GLY A 283 18.80 -19.01 3.23
CA GLY A 283 17.62 -18.19 3.15
C GLY A 283 17.32 -17.78 1.72
N GLY A 284 16.30 -16.93 1.59
CA GLY A 284 15.87 -16.45 0.29
C GLY A 284 14.48 -15.84 0.34
N SER A 285 13.54 -16.46 -0.36
CA SER A 285 12.16 -15.98 -0.40
C SER A 285 11.38 -16.54 0.78
N ASP A 286 10.52 -15.70 1.36
CA ASP A 286 9.65 -16.10 2.47
C ASP A 286 8.25 -16.45 2.00
N TRP A 287 8.11 -16.87 0.74
CA TRP A 287 6.86 -17.42 0.22
C TRP A 287 7.12 -18.86 -0.18
N PHE A 288 6.33 -19.80 0.36
CA PHE A 288 6.68 -21.21 0.28
C PHE A 288 5.43 -22.07 0.39
N LEU A 289 5.64 -23.37 0.20
CA LEU A 289 4.65 -24.42 0.48
C LEU A 289 5.32 -25.45 1.38
N LEU A 290 4.67 -25.76 2.51
CA LEU A 290 5.20 -26.71 3.48
C LEU A 290 4.14 -27.76 3.77
N ASN A 291 4.56 -29.03 3.84
CA ASN A 291 3.64 -30.12 4.09
C ASN A 291 3.37 -30.26 5.58
N ARG A 292 2.26 -30.93 5.89
CA ARG A 292 1.79 -31.00 7.28
C ARG A 292 2.84 -31.59 8.19
N ARG A 293 3.54 -32.64 7.74
CA ARG A 293 4.49 -33.33 8.61
C ARG A 293 5.60 -32.41 9.07
N PHE A 294 6.08 -31.53 8.17
CA PHE A 294 7.15 -30.61 8.54
C PHE A 294 6.64 -29.45 9.38
N VAL A 295 5.40 -29.03 9.17
CA VAL A 295 4.80 -28.02 10.05
C VAL A 295 4.63 -28.56 11.45
N GLU A 296 4.24 -29.83 11.57
CA GLU A 296 4.18 -30.48 12.87
C GLU A 296 5.52 -30.40 13.59
N TYR A 297 6.61 -30.65 12.86
CA TYR A 297 7.93 -30.66 13.47
C TYR A 297 8.32 -29.29 13.99
N VAL A 298 8.16 -28.26 13.16
CA VAL A 298 8.51 -26.89 13.57
C VAL A 298 7.69 -26.49 14.80
N THR A 299 6.46 -26.97 14.91
CA THR A 299 5.57 -26.51 15.96
C THR A 299 5.83 -27.21 17.29
N PHE A 300 5.89 -28.54 17.29
CA PHE A 300 5.86 -29.32 18.52
C PHE A 300 7.22 -29.84 18.95
N SER A 301 8.23 -29.82 18.08
CA SER A 301 9.53 -30.38 18.46
C SER A 301 10.13 -29.59 19.63
N THR A 302 10.96 -30.27 20.41
CA THR A 302 11.67 -29.66 21.53
C THR A 302 13.16 -29.97 21.51
N ASP A 303 13.71 -30.33 20.34
CA ASP A 303 15.12 -30.66 20.25
C ASP A 303 15.96 -29.39 20.32
N ASP A 304 17.28 -29.56 20.16
CA ASP A 304 18.21 -28.44 20.29
C ASP A 304 18.10 -27.48 19.12
N LEU A 305 17.67 -27.97 17.95
CA LEU A 305 17.62 -27.14 16.76
C LEU A 305 16.45 -26.17 16.80
N VAL A 306 15.23 -26.68 16.93
CA VAL A 306 14.04 -25.84 16.85
C VAL A 306 14.00 -24.86 18.02
N THR A 307 14.37 -25.31 19.21
CA THR A 307 14.30 -24.44 20.38
C THR A 307 15.20 -23.22 20.22
N LYS A 308 16.47 -23.44 19.88
CA LYS A 308 17.41 -22.34 19.77
C LYS A 308 17.08 -21.44 18.58
N MET A 309 16.62 -22.03 17.47
CA MET A 309 16.28 -21.21 16.31
C MET A 309 15.07 -20.33 16.57
N LYS A 310 14.19 -20.73 17.48
CA LYS A 310 13.07 -19.87 17.83
C LYS A 310 13.53 -18.70 18.69
N GLN A 311 14.59 -18.88 19.48
CA GLN A 311 15.16 -17.78 20.24
C GLN A 311 15.96 -16.86 19.32
N PHE A 312 16.82 -17.44 18.48
CA PHE A 312 17.67 -16.64 17.61
C PHE A 312 16.85 -15.73 16.71
N TYR A 313 15.80 -16.27 16.08
CA TYR A 313 15.03 -15.50 15.11
C TYR A 313 13.96 -14.62 15.73
N SER A 314 13.77 -14.68 17.05
CA SER A 314 12.91 -13.71 17.71
C SER A 314 13.50 -12.31 17.68
N TYR A 315 14.78 -12.19 17.37
CA TYR A 315 15.49 -10.91 17.31
C TYR A 315 16.21 -10.77 15.97
N THR A 316 15.48 -11.03 14.88
CA THR A 316 16.05 -11.05 13.55
C THR A 316 15.20 -10.22 12.59
N LEU A 317 15.87 -9.49 11.72
CA LEU A 317 15.22 -8.73 10.66
C LEU A 317 14.89 -9.65 9.49
N LEU A 318 13.64 -9.61 9.04
CA LEU A 318 13.20 -10.49 7.96
C LEU A 318 13.46 -11.94 8.34
N PRO A 319 12.91 -12.42 9.46
CA PRO A 319 13.21 -13.79 9.89
C PRO A 319 12.66 -14.84 8.94
N ALA A 320 11.42 -14.67 8.46
CA ALA A 320 10.80 -15.69 7.63
C ALA A 320 11.56 -15.93 6.34
N GLU A 321 12.46 -15.02 5.96
CA GLU A 321 13.29 -15.23 4.77
C GLU A 321 14.45 -16.18 5.03
N SER A 322 14.69 -16.58 6.29
CA SER A 322 15.82 -17.45 6.62
C SER A 322 15.49 -18.55 7.62
N PHE A 323 14.53 -18.37 8.52
CA PHE A 323 14.30 -19.34 9.59
C PHE A 323 13.91 -20.71 9.02
N PHE A 324 12.94 -20.74 8.10
CA PHE A 324 12.42 -22.01 7.62
C PHE A 324 13.46 -22.78 6.79
N HIS A 325 14.29 -22.07 6.03
CA HIS A 325 15.37 -22.74 5.30
C HIS A 325 16.34 -23.39 6.28
N THR A 326 16.86 -22.61 7.24
CA THR A 326 17.85 -23.13 8.18
C THR A 326 17.35 -24.37 8.89
N VAL A 327 16.16 -24.30 9.47
CA VAL A 327 15.63 -25.44 10.21
C VAL A 327 15.55 -26.67 9.30
N LEU A 328 15.04 -26.49 8.09
CA LEU A 328 14.84 -27.63 7.19
C LEU A 328 16.17 -28.30 6.86
N GLU A 329 17.16 -27.52 6.41
CA GLU A 329 18.43 -28.09 5.98
C GLU A 329 19.20 -28.74 7.12
N ASN A 330 18.89 -28.40 8.37
CA ASN A 330 19.56 -28.95 9.54
C ASN A 330 18.67 -29.89 10.34
N SER A 331 17.42 -30.09 9.93
CA SER A 331 16.50 -30.97 10.64
C SER A 331 16.60 -32.39 10.10
N PRO A 332 15.85 -33.34 10.66
CA PRO A 332 15.79 -34.68 10.06
C PRO A 332 15.04 -34.72 8.73
N HIS A 333 14.35 -33.64 8.34
CA HIS A 333 13.62 -33.59 7.09
C HIS A 333 14.43 -32.94 5.96
N CYS A 334 15.75 -32.89 6.08
CA CYS A 334 16.55 -32.13 5.12
C CYS A 334 16.53 -32.70 3.72
N ASP A 335 16.07 -33.94 3.54
CA ASP A 335 16.03 -34.55 2.22
C ASP A 335 14.68 -34.34 1.52
N THR A 336 13.87 -33.39 2.00
CA THR A 336 12.60 -33.06 1.37
C THR A 336 12.62 -31.72 0.66
N MET A 337 13.76 -31.03 0.64
CA MET A 337 13.80 -29.66 0.16
C MET A 337 13.84 -29.63 -1.37
N VAL A 338 12.87 -28.94 -1.96
CA VAL A 338 12.89 -28.60 -3.38
C VAL A 338 13.27 -27.13 -3.49
N ASP A 339 14.32 -26.84 -4.25
CA ASP A 339 14.84 -25.48 -4.36
C ASP A 339 14.02 -24.65 -5.35
N ASN A 340 12.73 -24.55 -5.04
CA ASN A 340 11.80 -23.81 -5.89
C ASN A 340 10.53 -23.56 -5.08
N ASN A 341 10.17 -22.30 -4.90
CA ASN A 341 8.98 -21.94 -4.15
C ASN A 341 7.72 -21.93 -4.99
N LEU A 342 7.83 -22.25 -6.28
CA LEU A 342 6.68 -22.28 -7.20
C LEU A 342 6.07 -20.90 -7.37
N ARG A 343 6.88 -19.85 -7.20
CA ARG A 343 6.45 -18.47 -7.32
C ARG A 343 7.25 -17.76 -8.40
N ILE A 344 6.66 -16.71 -8.96
CA ILE A 344 7.37 -15.75 -9.80
C ILE A 344 7.28 -14.40 -9.10
N THR A 345 8.44 -13.81 -8.81
CA THR A 345 8.52 -12.54 -8.10
C THR A 345 9.13 -11.51 -9.03
N ASN A 346 8.40 -10.42 -9.27
CA ASN A 346 8.79 -9.40 -10.25
C ASN A 346 9.85 -8.49 -9.65
N TRP A 347 11.03 -9.07 -9.40
CA TRP A 347 12.15 -8.31 -8.89
C TRP A 347 12.72 -7.42 -9.99
N ASN A 348 12.83 -6.12 -9.70
CA ASN A 348 13.57 -5.17 -10.55
C ASN A 348 14.29 -4.22 -9.61
N ARG A 349 15.49 -4.62 -9.19
CA ARG A 349 16.23 -3.85 -8.19
C ARG A 349 16.58 -2.47 -8.68
N LYS A 350 16.61 -2.26 -10.00
CA LYS A 350 16.85 -0.93 -10.55
C LYS A 350 15.76 0.06 -10.16
N LEU A 351 14.60 -0.43 -9.73
CA LEU A 351 13.50 0.41 -9.27
C LEU A 351 13.03 0.11 -7.86
N GLY A 352 13.20 -1.14 -7.39
CA GLY A 352 12.63 -1.57 -6.13
C GLY A 352 13.53 -1.44 -4.92
N CYS A 353 14.78 -1.03 -5.09
CA CYS A 353 15.72 -0.83 -3.98
C CYS A 353 16.04 0.66 -3.91
N LYS A 354 15.38 1.37 -3.00
CA LYS A 354 15.65 2.78 -2.77
C LYS A 354 15.79 3.09 -1.28
N CYS A 355 16.07 2.07 -0.46
CA CYS A 355 16.08 2.21 0.99
C CYS A 355 14.81 2.91 1.46
N GLN A 356 13.68 2.39 0.98
CA GLN A 356 12.38 3.05 1.19
C GLN A 356 11.82 2.83 2.59
N TYR A 357 12.28 1.81 3.32
CA TYR A 357 11.77 1.51 4.64
C TYR A 357 12.65 2.06 5.75
N LYS A 358 13.47 3.08 5.45
CA LYS A 358 14.43 3.58 6.42
C LYS A 358 13.75 4.09 7.70
N HIS A 359 12.55 4.65 7.58
CA HIS A 359 11.84 5.20 8.73
C HIS A 359 11.13 4.14 9.55
N ILE A 360 11.04 2.91 9.05
CA ILE A 360 10.42 1.82 9.78
C ILE A 360 11.42 0.86 10.40
N VAL A 361 12.58 0.65 9.77
CA VAL A 361 13.57 -0.32 10.23
C VAL A 361 14.93 0.37 10.15
N ASP A 362 15.89 -0.18 10.90
CA ASP A 362 17.27 0.32 10.90
C ASP A 362 18.11 -0.48 9.91
N TRP A 363 17.73 -0.37 8.64
CA TRP A 363 18.29 -1.15 7.55
C TRP A 363 17.61 -0.69 6.26
N CYS A 364 18.22 -1.00 5.13
CA CYS A 364 17.66 -0.67 3.82
C CYS A 364 16.94 -1.89 3.25
N GLY A 365 15.75 -1.66 2.72
CA GLY A 365 14.93 -2.74 2.19
C GLY A 365 14.67 -2.64 0.70
N CYS A 366 14.25 -3.76 0.10
CA CYS A 366 13.87 -3.81 -1.30
C CYS A 366 12.46 -4.39 -1.40
N SER A 367 11.81 -4.12 -2.54
CA SER A 367 10.44 -4.56 -2.76
C SER A 367 10.25 -4.93 -4.23
N PRO A 368 9.58 -6.04 -4.52
CA PRO A 368 9.30 -6.38 -5.92
C PRO A 368 8.30 -5.42 -6.55
N ASN A 369 8.36 -5.34 -7.87
CA ASN A 369 7.54 -4.40 -8.62
C ASN A 369 6.21 -5.03 -9.03
N ASP A 370 5.31 -4.18 -9.54
CA ASP A 370 4.00 -4.62 -9.98
C ASP A 370 4.02 -5.02 -11.44
N PHE A 371 3.32 -6.11 -11.76
CA PHE A 371 3.24 -6.58 -13.13
C PHE A 371 2.43 -5.61 -13.99
N LYS A 372 2.78 -5.54 -15.27
CA LYS A 372 2.10 -4.70 -16.25
C LYS A 372 1.61 -5.59 -17.39
N PRO A 373 0.79 -5.07 -18.30
CA PRO A 373 0.31 -5.91 -19.41
C PRO A 373 1.43 -6.52 -20.23
N GLN A 374 2.58 -5.87 -20.34
CA GLN A 374 3.68 -6.42 -21.13
C GLN A 374 4.31 -7.65 -20.46
N ASP A 375 4.05 -7.86 -19.18
CA ASP A 375 4.62 -8.98 -18.44
C ASP A 375 3.79 -10.25 -18.54
N PHE A 376 2.75 -10.27 -19.39
CA PHE A 376 1.85 -11.41 -19.40
C PHE A 376 2.53 -12.67 -19.92
N HIS A 377 3.36 -12.54 -20.96
CA HIS A 377 4.00 -13.71 -21.54
C HIS A 377 4.89 -14.44 -20.55
N ARG A 378 5.36 -13.74 -19.50
CA ARG A 378 6.19 -14.37 -18.49
C ARG A 378 5.44 -15.42 -17.68
N PHE A 379 4.12 -15.35 -17.64
CA PHE A 379 3.32 -16.32 -16.92
C PHE A 379 3.11 -17.62 -17.70
N GLN A 380 3.58 -17.68 -18.95
CA GLN A 380 3.46 -18.87 -19.78
C GLN A 380 4.80 -19.57 -19.97
N GLN A 381 5.78 -19.28 -19.12
CA GLN A 381 7.11 -19.84 -19.27
C GLN A 381 7.12 -21.33 -19.00
N THR A 382 7.94 -22.06 -19.77
CA THR A 382 8.02 -23.51 -19.68
C THR A 382 9.07 -24.00 -18.69
N ALA A 383 10.07 -23.17 -18.39
CA ALA A 383 11.28 -23.64 -17.70
C ALA A 383 10.94 -24.52 -16.50
N ARG A 384 10.29 -23.96 -15.49
CA ARG A 384 10.04 -24.63 -14.23
C ARG A 384 8.59 -24.52 -13.83
N PRO A 385 8.15 -25.30 -12.84
CA PRO A 385 6.76 -25.19 -12.38
C PRO A 385 6.55 -23.92 -11.56
N THR A 386 5.50 -23.18 -11.89
CA THR A 386 5.12 -21.99 -11.16
C THR A 386 3.60 -21.91 -11.09
N PHE A 387 3.07 -21.52 -9.93
CA PHE A 387 1.64 -21.49 -9.71
C PHE A 387 1.12 -20.16 -9.16
N PHE A 388 1.98 -19.30 -8.61
CA PHE A 388 1.55 -18.00 -8.11
C PHE A 388 2.59 -16.96 -8.51
N ALA A 389 2.18 -15.70 -8.43
CA ALA A 389 3.05 -14.59 -8.83
C ALA A 389 2.66 -13.32 -8.08
N ARG A 390 3.65 -12.45 -7.88
CA ARG A 390 3.43 -11.17 -7.21
C ARG A 390 4.46 -10.18 -7.74
N LYS A 391 4.17 -8.88 -7.65
CA LYS A 391 2.97 -8.31 -7.01
C LYS A 391 1.96 -7.77 -8.01
N PHE A 392 0.70 -7.72 -7.59
CA PHE A 392 -0.38 -7.16 -8.39
C PHE A 392 -1.10 -6.07 -7.59
N GLU A 393 -1.24 -4.90 -8.19
CA GLU A 393 -1.92 -3.77 -7.55
C GLU A 393 -2.93 -3.19 -8.53
N ALA A 394 -4.22 -3.29 -8.18
CA ALA A 394 -5.26 -2.78 -9.07
C ALA A 394 -5.11 -1.28 -9.31
N VAL A 395 -4.79 -0.53 -8.25
CA VAL A 395 -4.65 0.92 -8.39
C VAL A 395 -3.45 1.34 -9.22
N VAL A 396 -2.57 0.40 -9.55
CA VAL A 396 -1.43 0.67 -10.43
C VAL A 396 -1.69 0.16 -11.84
N ASN A 397 -2.21 -1.05 -11.96
CA ASN A 397 -2.53 -1.62 -13.26
C ASN A 397 -3.43 -2.84 -13.10
N GLN A 398 -4.69 -2.71 -13.51
CA GLN A 398 -5.66 -3.79 -13.42
C GLN A 398 -5.75 -4.61 -14.69
N GLU A 399 -5.32 -4.04 -15.83
CA GLU A 399 -5.45 -4.74 -17.11
C GLU A 399 -4.80 -6.11 -17.06
N ILE A 400 -3.56 -6.18 -16.55
CA ILE A 400 -2.85 -7.45 -16.48
C ILE A 400 -3.59 -8.43 -15.57
N ILE A 401 -4.32 -7.92 -14.58
CA ILE A 401 -5.10 -8.80 -13.72
C ILE A 401 -6.26 -9.41 -14.50
N GLY A 402 -7.00 -8.56 -15.23
CA GLY A 402 -8.09 -9.07 -16.04
C GLY A 402 -7.64 -10.07 -17.09
N GLN A 403 -6.51 -9.78 -17.75
CA GLN A 403 -5.96 -10.71 -18.73
C GLN A 403 -5.67 -12.06 -18.09
N LEU A 404 -5.00 -12.04 -16.93
CA LEU A 404 -4.58 -13.28 -16.30
C LEU A 404 -5.78 -14.10 -15.82
N ASP A 405 -6.82 -13.43 -15.33
CA ASP A 405 -7.97 -14.15 -14.78
C ASP A 405 -8.80 -14.80 -15.89
N TYR A 406 -8.98 -14.10 -17.01
CA TYR A 406 -9.74 -14.69 -18.11
C TYR A 406 -8.95 -15.78 -18.81
N TYR A 407 -7.62 -15.68 -18.81
CA TYR A 407 -6.79 -16.72 -19.39
C TYR A 407 -6.89 -18.03 -18.62
N LEU A 408 -7.23 -17.96 -17.34
CA LEU A 408 -7.32 -19.16 -16.49
C LEU A 408 -8.73 -19.72 -16.43
N TYR A 409 -9.75 -18.86 -16.39
CA TYR A 409 -11.11 -19.30 -16.13
C TYR A 409 -12.13 -18.74 -17.11
N GLY A 410 -11.69 -18.20 -18.24
CA GLY A 410 -12.60 -17.78 -19.29
C GLY A 410 -13.16 -16.39 -19.07
N ASN A 411 -13.76 -15.86 -20.14
CA ASN A 411 -14.36 -14.54 -20.10
C ASN A 411 -15.68 -14.56 -19.33
N TYR A 412 -16.11 -13.38 -18.90
CA TYR A 412 -17.43 -13.22 -18.31
C TYR A 412 -18.47 -13.04 -19.40
N PRO A 413 -19.75 -13.23 -19.08
CA PRO A 413 -20.79 -13.12 -20.11
C PRO A 413 -20.87 -11.73 -20.70
N ALA A 414 -21.53 -11.63 -21.84
CA ALA A 414 -21.72 -10.34 -22.49
C ALA A 414 -22.66 -9.47 -21.66
N GLY A 415 -22.35 -8.18 -21.58
CA GLY A 415 -23.10 -7.27 -20.76
C GLY A 415 -22.74 -7.30 -19.29
N THR A 416 -21.66 -7.98 -18.91
CA THR A 416 -21.23 -7.98 -17.52
C THR A 416 -20.69 -6.60 -17.16
N PRO A 417 -21.26 -5.93 -16.16
CA PRO A 417 -20.80 -4.56 -15.85
C PRO A 417 -19.60 -4.54 -14.94
N GLY A 418 -18.82 -3.46 -15.07
CA GLY A 418 -17.74 -3.17 -14.14
C GLY A 418 -16.44 -3.91 -14.37
N LEU A 419 -16.31 -4.64 -15.48
CA LEU A 419 -15.10 -5.44 -15.68
C LEU A 419 -13.85 -4.59 -15.81
N ARG A 420 -13.98 -3.36 -16.31
CA ARG A 420 -12.84 -2.47 -16.50
C ARG A 420 -12.70 -1.42 -15.41
N SER A 421 -13.56 -1.45 -14.39
CA SER A 421 -13.57 -0.44 -13.34
C SER A 421 -12.95 -1.00 -12.06
N TYR A 422 -12.50 -0.08 -11.20
CA TYR A 422 -12.03 -0.46 -9.87
C TYR A 422 -12.42 0.61 -8.86
N TRP A 423 -12.91 0.15 -7.72
CA TRP A 423 -13.28 1.02 -6.59
C TRP A 423 -12.44 0.62 -5.38
N GLU A 424 -11.98 1.61 -4.62
CA GLU A 424 -11.20 1.36 -3.42
C GLU A 424 -11.59 2.35 -2.34
N ASN A 425 -12.15 1.82 -1.25
CA ASN A 425 -12.54 2.65 -0.11
C ASN A 425 -11.31 3.25 0.55
N VAL A 426 -11.32 4.56 0.75
CA VAL A 426 -10.22 5.27 1.42
C VAL A 426 -10.63 5.85 2.77
N TYR A 427 -11.92 5.83 3.11
CA TYR A 427 -12.36 6.22 4.44
C TYR A 427 -13.71 5.57 4.71
N ASP A 428 -13.88 5.06 5.93
CA ASP A 428 -15.10 4.39 6.34
C ASP A 428 -15.56 4.97 7.67
N GLU A 429 -16.84 5.32 7.74
CA GLU A 429 -17.38 6.00 8.92
C GLU A 429 -16.98 5.35 10.24
N PRO A 430 -17.04 4.02 10.39
CA PRO A 430 -16.75 3.42 11.71
C PRO A 430 -15.34 3.67 12.22
N ASP A 431 -14.43 4.16 11.38
CA ASP A 431 -13.07 4.45 11.82
C ASP A 431 -12.90 5.85 12.38
N GLY A 432 -13.90 6.72 12.23
CA GLY A 432 -13.90 8.01 12.88
C GLY A 432 -13.23 9.09 12.05
N ILE A 433 -13.61 10.34 12.31
CA ILE A 433 -13.00 11.46 11.61
C ILE A 433 -11.61 11.80 12.15
N HIS A 434 -11.29 11.36 13.37
CA HIS A 434 -9.92 11.52 13.86
C HIS A 434 -8.95 10.57 13.16
N SER A 435 -9.47 9.55 12.48
CA SER A 435 -8.65 8.76 11.57
C SER A 435 -8.22 9.58 10.36
N LEU A 436 -9.00 10.59 9.99
CA LEU A 436 -8.65 11.49 8.90
C LEU A 436 -7.73 12.60 9.39
N SER A 437 -7.21 13.38 8.44
CA SER A 437 -6.44 14.57 8.74
C SER A 437 -7.33 15.80 8.63
N ASP A 438 -6.76 16.97 8.93
CA ASP A 438 -7.52 18.21 8.75
C ASP A 438 -7.68 18.55 7.27
N VAL A 439 -6.76 18.08 6.42
CA VAL A 439 -6.85 18.38 4.99
C VAL A 439 -7.95 17.56 4.35
N THR A 440 -7.85 16.23 4.42
CA THR A 440 -8.84 15.37 3.78
C THR A 440 -10.23 15.62 4.33
N LEU A 441 -10.33 16.05 5.59
CA LEU A 441 -11.65 16.31 6.17
C LEU A 441 -12.23 17.60 5.60
N THR A 442 -11.41 18.63 5.45
CA THR A 442 -11.89 19.89 4.87
C THR A 442 -12.31 19.71 3.42
N LEU A 443 -11.62 18.83 2.68
CA LEU A 443 -11.85 18.70 1.25
C LEU A 443 -12.91 17.67 0.89
N TYR A 444 -13.13 16.66 1.75
CA TYR A 444 -14.25 15.75 1.52
C TYR A 444 -15.57 16.45 1.82
N HIS A 445 -15.60 17.31 2.83
CA HIS A 445 -16.79 18.15 3.04
C HIS A 445 -17.06 19.04 1.84
N SER A 446 -16.00 19.60 1.25
CA SER A 446 -16.17 20.48 0.10
C SER A 446 -16.75 19.74 -1.10
N PHE A 447 -16.19 18.56 -1.41
CA PHE A 447 -16.69 17.78 -2.53
C PHE A 447 -18.17 17.45 -2.35
N ALA A 448 -18.59 17.14 -1.12
CA ALA A 448 -20.00 16.84 -0.89
C ALA A 448 -20.86 18.05 -1.20
N ARG A 449 -20.45 19.23 -0.75
CA ARG A 449 -21.21 20.45 -1.06
C ARG A 449 -21.21 20.72 -2.56
N LEU A 450 -20.06 20.57 -3.22
CA LEU A 450 -20.01 20.72 -4.67
C LEU A 450 -21.05 19.84 -5.34
N GLY A 451 -21.17 18.58 -4.90
CA GLY A 451 -22.19 17.70 -5.44
C GLY A 451 -23.60 18.18 -5.15
N LEU A 452 -23.82 18.75 -3.96
CA LEU A 452 -25.13 19.28 -3.62
C LEU A 452 -25.51 20.46 -4.50
N ARG A 453 -24.52 21.26 -4.93
CA ARG A 453 -24.82 22.39 -5.79
C ARG A 453 -25.14 21.95 -7.21
N ARG A 454 -24.62 20.79 -7.64
CA ARG A 454 -24.97 20.28 -8.96
C ARG A 454 -26.40 19.75 -9.00
N ALA A 455 -26.88 19.18 -7.90
CA ALA A 455 -28.26 18.71 -7.86
C ALA A 455 -29.23 19.86 -8.05
N GLU A 456 -28.98 20.99 -7.38
CA GLU A 456 -29.88 22.13 -7.47
C GLU A 456 -29.93 22.68 -8.90
N THR A 457 -28.76 22.86 -9.52
CA THR A 457 -28.71 23.44 -10.86
C THR A 457 -29.20 22.49 -11.93
N SER A 458 -29.30 21.19 -11.64
CA SER A 458 -29.72 20.23 -12.65
C SER A 458 -31.22 20.31 -12.92
N LEU A 459 -32.02 20.63 -11.91
CA LEU A 459 -33.47 20.73 -12.07
C LEU A 459 -33.83 22.14 -12.53
N HIS A 460 -34.45 22.25 -13.69
CA HIS A 460 -34.81 23.53 -14.28
C HIS A 460 -36.31 23.72 -14.12
N THR A 461 -36.71 24.69 -13.30
CA THR A 461 -38.10 24.92 -12.99
C THR A 461 -38.27 26.32 -12.43
N ASP A 462 -39.49 26.84 -12.51
CA ASP A 462 -39.82 28.14 -11.95
C ASP A 462 -40.56 28.03 -10.62
N GLY A 463 -40.92 26.82 -10.21
CA GLY A 463 -41.57 26.59 -8.94
C GLY A 463 -40.59 26.20 -7.86
N GLU A 464 -41.07 25.40 -6.90
CA GLU A 464 -40.21 24.94 -5.83
C GLU A 464 -39.16 23.98 -6.39
N ASN A 465 -37.91 24.20 -6.01
CA ASN A 465 -36.81 23.33 -6.40
C ASN A 465 -36.74 22.16 -5.43
N SER A 466 -37.14 20.98 -5.88
CA SER A 466 -37.11 19.78 -5.06
C SER A 466 -35.72 19.13 -5.05
N CYS A 467 -34.69 19.84 -5.51
CA CYS A 467 -33.32 19.33 -5.49
C CYS A 467 -32.41 20.29 -4.73
N ARG A 468 -32.95 21.05 -3.78
CA ARG A 468 -32.15 21.85 -2.87
C ARG A 468 -31.88 21.06 -1.59
N TYR A 469 -30.62 21.03 -1.18
CA TYR A 469 -30.20 20.20 -0.06
C TYR A 469 -29.39 21.01 0.94
N TYR A 470 -29.47 20.60 2.20
CA TYR A 470 -28.67 21.16 3.28
C TYR A 470 -27.78 20.05 3.84
N PRO A 471 -26.46 20.20 3.87
CA PRO A 471 -25.60 19.09 4.30
C PRO A 471 -25.76 18.80 5.78
N MET A 472 -25.49 17.55 6.15
CA MET A 472 -25.66 17.07 7.52
C MET A 472 -24.51 16.15 7.88
N GLY A 473 -23.89 16.41 9.05
CA GLY A 473 -22.93 15.48 9.60
C GLY A 473 -21.62 15.42 8.81
N HIS A 474 -20.99 14.25 8.85
CA HIS A 474 -19.71 14.02 8.22
C HIS A 474 -19.82 12.90 7.18
N PRO A 475 -18.96 12.90 6.17
CA PRO A 475 -19.01 11.83 5.16
C PRO A 475 -19.05 10.46 5.80
N ALA A 476 -19.83 9.56 5.19
CA ALA A 476 -19.92 8.19 5.65
C ALA A 476 -18.89 7.27 5.00
N SER A 477 -18.37 7.63 3.83
CA SER A 477 -17.35 6.84 3.19
C SER A 477 -16.82 7.59 1.98
N VAL A 478 -15.62 7.22 1.55
CA VAL A 478 -15.01 7.75 0.35
C VAL A 478 -14.40 6.59 -0.43
N HIS A 479 -14.37 6.73 -1.76
CA HIS A 479 -13.80 5.70 -2.62
C HIS A 479 -12.93 6.36 -3.68
N LEU A 480 -11.84 5.69 -4.04
CA LEU A 480 -11.17 5.97 -5.29
C LEU A 480 -11.94 5.31 -6.43
N TYR A 481 -11.78 5.86 -7.63
CA TYR A 481 -12.54 5.38 -8.78
C TYR A 481 -11.63 5.37 -9.99
N PHE A 482 -11.53 4.20 -10.64
CA PHE A 482 -10.68 4.03 -11.81
C PHE A 482 -11.51 3.42 -12.94
N LEU A 483 -11.20 3.83 -14.16
CA LEU A 483 -11.79 3.24 -15.36
C LEU A 483 -10.70 3.10 -16.41
N ALA A 484 -10.44 1.87 -16.83
CA ALA A 484 -9.39 1.58 -17.81
C ALA A 484 -8.02 2.03 -17.29
N ASP A 485 -7.77 1.80 -16.00
CA ASP A 485 -6.52 2.19 -15.36
C ASP A 485 -6.28 3.70 -15.46
N ARG A 486 -7.37 4.47 -15.50
CA ARG A 486 -7.32 5.93 -15.49
C ARG A 486 -8.07 6.42 -14.26
N PHE A 487 -7.40 7.19 -13.42
CA PHE A 487 -8.02 7.70 -12.21
C PHE A 487 -9.14 8.68 -12.57
N GLN A 488 -10.33 8.43 -12.03
CA GLN A 488 -11.52 9.21 -12.37
C GLN A 488 -11.92 10.21 -11.30
N GLY A 489 -11.49 10.03 -10.05
CA GLY A 489 -11.78 10.96 -8.98
C GLY A 489 -12.29 10.24 -7.75
N PHE A 490 -12.93 11.00 -6.87
CA PHE A 490 -13.42 10.49 -5.60
C PHE A 490 -14.93 10.28 -5.65
N LEU A 491 -15.42 9.36 -4.82
CA LEU A 491 -16.85 9.12 -4.63
C LEU A 491 -17.16 9.33 -3.16
N ILE A 492 -17.90 10.39 -2.84
CA ILE A 492 -18.24 10.74 -1.47
C ILE A 492 -19.68 10.33 -1.20
N LYS A 493 -19.88 9.50 -0.18
CA LYS A 493 -21.21 9.21 0.34
C LYS A 493 -21.47 10.12 1.54
N HIS A 494 -22.66 10.72 1.58
CA HIS A 494 -22.92 11.75 2.57
C HIS A 494 -24.43 11.93 2.71
N HIS A 495 -24.82 12.52 3.84
CA HIS A 495 -26.22 12.74 4.17
C HIS A 495 -26.59 14.21 3.97
N ALA A 496 -27.83 14.45 3.61
CA ALA A 496 -28.32 15.81 3.39
C ALA A 496 -29.84 15.82 3.54
N THR A 497 -30.36 16.98 3.88
CA THR A 497 -31.80 17.18 4.02
C THR A 497 -32.34 17.80 2.74
N ASN A 498 -33.31 17.13 2.11
CA ASN A 498 -34.03 17.71 0.99
C ASN A 498 -34.99 18.77 1.53
N LEU A 499 -34.72 20.04 1.21
CA LEU A 499 -35.41 21.15 1.85
C LEU A 499 -36.86 21.28 1.40
N ALA A 500 -37.22 20.73 0.24
CA ALA A 500 -38.62 20.81 -0.20
C ALA A 500 -39.51 19.95 0.68
N VAL A 501 -39.12 18.69 0.93
CA VAL A 501 -39.92 17.79 1.74
C VAL A 501 -39.39 17.66 3.16
N SER A 502 -38.25 18.28 3.47
CA SER A 502 -37.73 18.32 4.85
C SER A 502 -37.43 16.91 5.35
N LYS A 503 -36.63 16.17 4.58
CA LYS A 503 -36.32 14.78 4.89
C LYS A 503 -34.85 14.51 4.62
N LEU A 504 -34.27 13.64 5.44
CA LEU A 504 -32.89 13.21 5.23
C LEU A 504 -32.80 12.25 4.05
N GLU A 505 -31.74 12.40 3.26
CA GLU A 505 -31.45 11.50 2.15
C GLU A 505 -29.97 11.16 2.15
N THR A 506 -29.66 9.93 1.75
CA THR A 506 -28.29 9.50 1.57
C THR A 506 -27.93 9.59 0.10
N LEU A 507 -26.76 10.17 -0.20
CA LEU A 507 -26.35 10.46 -1.55
C LEU A 507 -24.90 10.04 -1.75
N GLU A 508 -24.51 9.88 -3.02
CA GLU A 508 -23.12 9.64 -3.38
C GLU A 508 -22.76 10.56 -4.53
N THR A 509 -21.63 11.26 -4.38
CA THR A 509 -21.20 12.29 -5.32
C THR A 509 -19.89 11.87 -5.98
N TRP A 510 -19.80 12.13 -7.28
CA TRP A 510 -18.59 11.88 -8.07
C TRP A 510 -17.98 13.22 -8.48
N VAL A 511 -16.75 13.46 -8.06
CA VAL A 511 -16.01 14.66 -8.42
C VAL A 511 -14.77 14.27 -9.19
N MET A 512 -14.47 15.01 -10.26
CA MET A 512 -13.30 14.76 -11.09
C MET A 512 -12.43 16.02 -11.15
N PRO A 513 -11.10 15.88 -11.07
CA PRO A 513 -10.24 17.05 -11.17
C PRO A 513 -10.13 17.57 -12.59
N LYS A 514 -9.97 18.88 -12.71
CA LYS A 514 -9.82 19.52 -14.01
C LYS A 514 -8.39 19.38 -14.51
N LYS A 515 -8.24 19.14 -15.81
CA LYS A 515 -6.92 19.05 -16.41
C LYS A 515 -6.24 20.41 -16.37
N VAL A 516 -4.98 20.44 -15.95
CA VAL A 516 -4.27 21.69 -15.71
C VAL A 516 -2.93 21.72 -16.42
N PHE A 517 -2.52 20.59 -16.99
CA PHE A 517 -1.24 20.53 -17.70
C PHE A 517 -1.41 21.13 -19.10
N LYS A 518 -0.60 22.12 -19.43
CA LYS A 518 -0.66 22.81 -20.72
C LYS A 518 0.73 22.89 -21.32
N ILE A 519 0.84 22.54 -22.60
CA ILE A 519 2.10 22.59 -23.33
C ILE A 519 2.10 23.82 -24.23
N ALA A 520 3.31 24.33 -24.50
CA ALA A 520 3.47 25.47 -25.40
C ALA A 520 4.05 25.03 -26.74
N GLY A 527 10.43 18.55 -28.46
CA GLY A 527 10.70 18.55 -27.03
C GLY A 527 10.56 17.17 -26.42
N ARG A 528 11.31 16.92 -25.35
CA ARG A 528 11.29 15.64 -24.66
C ARG A 528 10.24 15.56 -23.55
N LEU A 529 9.65 16.69 -23.15
CA LEU A 529 8.74 16.68 -22.02
C LEU A 529 7.43 16.03 -22.39
N GLN A 530 6.93 15.15 -21.52
CA GLN A 530 5.66 14.47 -21.72
C GLN A 530 4.60 14.87 -20.71
N PHE A 531 4.98 15.03 -19.45
CA PHE A 531 4.01 15.34 -18.40
C PHE A 531 4.72 16.10 -17.29
N SER A 532 3.92 16.62 -16.36
CA SER A 532 4.44 17.34 -15.21
C SER A 532 3.34 17.42 -14.17
N GLU A 533 3.69 17.17 -12.91
CA GLU A 533 2.68 17.03 -11.86
C GLU A 533 3.28 17.47 -10.53
N VAL A 534 2.38 17.82 -9.61
CA VAL A 534 2.75 18.19 -8.25
C VAL A 534 1.91 17.38 -7.28
N GLY A 535 2.55 16.89 -6.22
CA GLY A 535 1.84 16.14 -5.21
C GLY A 535 2.78 15.75 -4.08
N THR A 536 2.26 14.93 -3.17
CA THR A 536 3.04 14.35 -2.09
C THR A 536 2.98 12.83 -2.18
N ASP A 537 3.87 12.18 -1.43
CA ASP A 537 3.94 10.73 -1.36
C ASP A 537 4.30 10.13 -2.72
N TRP A 538 5.50 10.48 -3.18
CA TRP A 538 6.01 9.97 -4.45
C TRP A 538 6.57 8.56 -4.24
N ASP A 539 6.05 7.61 -5.01
CA ASP A 539 6.48 6.22 -4.96
C ASP A 539 7.57 6.01 -6.00
N ALA A 540 8.82 5.91 -5.54
CA ALA A 540 9.94 5.76 -6.47
C ALA A 540 9.90 4.44 -7.21
N LYS A 541 9.39 3.38 -6.57
CA LYS A 541 9.35 2.07 -7.22
C LYS A 541 8.38 2.06 -8.38
N GLU A 542 7.11 2.38 -8.13
CA GLU A 542 6.10 2.43 -9.17
C GLU A 542 6.06 3.78 -9.89
N ARG A 543 6.86 4.74 -9.44
CA ARG A 543 6.98 6.04 -10.11
C ARG A 543 5.60 6.67 -10.33
N LEU A 544 4.97 7.01 -9.21
CA LEU A 544 3.66 7.65 -9.19
C LEU A 544 3.42 8.18 -7.79
N PHE A 545 2.38 9.01 -7.66
CA PHE A 545 1.99 9.56 -6.38
C PHE A 545 0.93 8.67 -5.74
N ARG A 546 1.16 8.31 -4.47
CA ARG A 546 0.17 7.55 -3.71
C ARG A 546 -0.91 8.44 -3.09
N ASN A 547 -0.70 9.76 -3.09
CA ASN A 547 -1.75 10.73 -2.79
C ASN A 547 -2.39 11.10 -4.11
N PHE A 548 -3.45 10.37 -4.48
CA PHE A 548 -3.95 10.43 -5.85
C PHE A 548 -4.63 11.75 -6.14
N GLY A 549 -5.52 12.20 -5.26
CA GLY A 549 -6.23 13.44 -5.49
C GLY A 549 -5.36 14.68 -5.45
N GLY A 550 -4.10 14.57 -5.03
CA GLY A 550 -3.25 15.72 -4.85
C GLY A 550 -3.74 16.64 -3.75
N LEU A 551 -4.42 16.09 -2.75
CA LEU A 551 -4.98 16.91 -1.68
C LEU A 551 -3.85 17.51 -0.85
N LEU A 552 -3.80 18.84 -0.79
CA LEU A 552 -2.73 19.54 -0.10
C LEU A 552 -3.31 20.64 0.79
N GLY A 553 -2.58 20.94 1.86
CA GLY A 553 -2.93 22.02 2.75
C GLY A 553 -1.78 22.99 2.92
N PRO A 554 -1.93 23.94 3.84
CA PRO A 554 -0.88 24.95 4.02
C PRO A 554 0.44 24.37 4.51
N MET A 555 0.40 23.39 5.40
CA MET A 555 1.62 22.85 6.02
C MET A 555 2.25 21.71 5.23
N ASP A 556 1.70 21.34 4.08
CA ASP A 556 2.28 20.27 3.29
C ASP A 556 3.52 20.77 2.55
N GLU A 557 4.24 19.82 1.94
CA GLU A 557 5.50 20.09 1.26
C GLU A 557 5.42 19.51 -0.14
N PRO A 558 4.98 20.30 -1.13
CA PRO A 558 4.78 19.75 -2.47
C PRO A 558 6.06 19.18 -3.08
N VAL A 559 5.87 18.28 -4.03
CA VAL A 559 6.96 17.68 -4.79
C VAL A 559 6.61 17.80 -6.27
N GLY A 560 7.53 18.35 -7.06
CA GLY A 560 7.31 18.56 -8.47
C GLY A 560 7.99 17.50 -9.30
N MET A 561 7.17 16.71 -10.01
CA MET A 561 7.64 15.62 -10.84
C MET A 561 7.52 15.99 -12.32
N GLN A 562 8.43 15.46 -13.12
CA GLN A 562 8.41 15.63 -14.56
C GLN A 562 8.65 14.28 -15.23
N LYS A 563 8.00 14.07 -16.38
CA LYS A 563 8.11 12.85 -17.15
C LYS A 563 8.70 13.17 -18.51
N TRP A 564 9.72 12.43 -18.91
CA TRP A 564 10.45 12.72 -20.15
C TRP A 564 10.49 11.49 -21.04
N GLY A 565 10.56 11.75 -22.35
CA GLY A 565 10.74 10.71 -23.34
C GLY A 565 12.17 10.66 -23.86
N LYS A 566 12.40 9.71 -24.77
CA LYS A 566 13.73 9.51 -25.32
C LYS A 566 14.21 10.78 -26.04
N GLY A 567 15.52 10.98 -26.04
CA GLY A 567 16.12 12.12 -26.69
C GLY A 567 17.48 12.46 -26.11
N PRO A 568 18.15 13.45 -26.70
CA PRO A 568 19.46 13.84 -26.20
C PRO A 568 19.36 14.64 -24.91
N ASN A 569 20.50 14.78 -24.23
CA ASN A 569 20.54 15.50 -22.97
C ASN A 569 20.06 16.94 -23.17
N VAL A 570 19.50 17.50 -22.10
CA VAL A 570 18.96 18.86 -22.14
C VAL A 570 18.87 19.37 -20.72
N THR A 571 18.99 20.69 -20.56
CA THR A 571 18.85 21.35 -19.27
C THR A 571 17.65 22.29 -19.32
N VAL A 572 16.79 22.19 -18.31
CA VAL A 572 15.55 22.96 -18.27
C VAL A 572 15.56 23.83 -17.01
N THR A 573 14.54 24.69 -16.91
CA THR A 573 14.36 25.57 -15.78
C THR A 573 12.96 25.36 -15.21
N VAL A 574 12.85 25.51 -13.88
CA VAL A 574 11.59 25.35 -13.16
C VAL A 574 11.35 26.59 -12.32
N ILE A 575 10.10 27.03 -12.27
CA ILE A 575 9.70 28.22 -11.52
C ILE A 575 8.41 27.91 -10.79
N TRP A 576 8.40 28.15 -9.47
CA TRP A 576 7.20 28.02 -8.66
C TRP A 576 6.62 29.41 -8.39
N VAL A 577 5.29 29.50 -8.45
CA VAL A 577 4.59 30.78 -8.31
C VAL A 577 3.39 30.57 -7.38
N ASP A 578 3.27 31.41 -6.36
CA ASP A 578 2.17 31.28 -5.40
C ASP A 578 0.96 32.03 -5.91
N PRO A 579 -0.18 31.95 -5.21
CA PRO A 579 -1.42 32.52 -5.77
C PRO A 579 -1.39 34.01 -6.03
N VAL A 580 -0.46 34.76 -5.43
CA VAL A 580 -0.41 36.19 -5.63
C VAL A 580 0.87 36.59 -6.36
N ASN A 581 1.32 35.72 -7.27
CA ASN A 581 2.41 36.02 -8.20
C ASN A 581 3.75 36.23 -7.50
N VAL A 582 3.94 35.63 -6.33
CA VAL A 582 5.24 35.61 -5.67
C VAL A 582 6.00 34.36 -6.10
N ILE A 583 7.23 34.54 -6.55
CA ILE A 583 8.05 33.44 -7.03
C ILE A 583 8.75 32.83 -5.82
N ALA A 584 8.38 31.60 -5.47
CA ALA A 584 8.89 30.96 -4.26
C ALA A 584 10.25 30.30 -4.48
N ALA A 585 10.53 29.81 -5.68
CA ALA A 585 11.78 29.09 -5.92
C ALA A 585 12.04 29.02 -7.42
N THR A 586 13.31 28.75 -7.75
CA THR A 586 13.74 28.58 -9.13
C THR A 586 15.02 27.77 -9.15
N TYR A 587 15.08 26.79 -10.05
CA TYR A 587 16.25 25.93 -10.16
C TYR A 587 16.28 25.27 -11.53
N ASP A 588 17.48 24.91 -11.97
CA ASP A 588 17.68 24.22 -13.23
C ASP A 588 17.95 22.73 -12.98
N ILE A 589 17.67 21.92 -14.00
CA ILE A 589 17.80 20.47 -13.90
C ILE A 589 18.45 19.94 -15.16
N LEU A 590 19.26 18.89 -15.00
CA LEU A 590 19.87 18.19 -16.12
C LEU A 590 19.02 16.98 -16.47
N ILE A 591 18.56 16.93 -17.71
CA ILE A 591 17.72 15.83 -18.20
C ILE A 591 18.57 15.01 -19.15
N GLU A 592 19.12 13.91 -18.65
CA GLU A 592 20.02 13.09 -19.44
C GLU A 592 19.24 12.28 -20.48
N SER A 593 20.00 11.62 -21.38
CA SER A 593 19.37 10.85 -22.44
C SER A 593 18.58 9.68 -21.91
N THR A 594 18.93 9.17 -20.73
CA THR A 594 18.24 8.05 -20.12
C THR A 594 17.16 8.49 -19.13
N ALA A 595 17.04 9.78 -18.85
CA ALA A 595 16.07 10.27 -17.88
C ALA A 595 14.65 9.96 -18.34
N GLU A 596 13.91 9.24 -17.51
CA GLU A 596 12.49 8.99 -17.74
C GLU A 596 11.59 9.70 -16.74
N PHE A 597 12.05 9.88 -15.51
CA PHE A 597 11.31 10.62 -14.49
C PHE A 597 12.30 11.46 -13.69
N THR A 598 11.87 12.66 -13.30
CA THR A 598 12.65 13.54 -12.46
C THR A 598 11.72 14.23 -11.48
N HIS A 599 12.16 14.38 -10.23
CA HIS A 599 11.36 15.03 -9.22
C HIS A 599 12.28 15.77 -8.25
N TYR A 600 11.67 16.59 -7.40
CA TYR A 600 12.41 17.37 -6.42
C TYR A 600 11.42 18.08 -5.52
N LYS A 601 11.84 18.30 -4.28
CA LYS A 601 11.01 18.96 -3.26
C LYS A 601 11.67 20.26 -2.84
N PRO A 602 11.24 21.40 -3.37
CA PRO A 602 11.89 22.67 -3.00
C PRO A 602 11.63 23.03 -1.55
N PRO A 603 12.66 23.51 -0.82
CA PRO A 603 12.46 23.82 0.60
C PRO A 603 11.75 25.15 0.80
N LEU A 604 10.47 25.11 1.14
CA LEU A 604 9.65 26.30 1.26
C LEU A 604 9.24 26.50 2.71
N ASN A 605 9.53 27.68 3.26
CA ASN A 605 9.08 28.00 4.60
C ASN A 605 7.56 27.93 4.67
N LEU A 606 7.04 27.44 5.78
CA LEU A 606 5.63 27.21 5.98
C LEU A 606 5.03 28.24 6.92
N PRO A 607 3.70 28.44 6.89
CA PRO A 607 2.73 27.81 5.99
C PRO A 607 2.70 28.41 4.59
N LEU A 608 2.37 27.58 3.60
CA LEU A 608 2.20 28.06 2.24
C LEU A 608 0.96 28.94 2.15
N ARG A 609 1.00 29.90 1.24
CA ARG A 609 -0.16 30.75 1.00
C ARG A 609 -1.22 29.93 0.28
N PRO A 610 -2.44 29.82 0.80
CA PRO A 610 -3.45 29.00 0.12
C PRO A 610 -3.96 29.65 -1.15
N GLY A 611 -4.40 28.81 -2.08
CA GLY A 611 -4.87 29.23 -3.38
C GLY A 611 -4.36 28.31 -4.46
N VAL A 612 -4.49 28.76 -5.70
CA VAL A 612 -4.03 27.99 -6.86
C VAL A 612 -2.60 28.41 -7.16
N TRP A 613 -1.66 27.50 -6.95
CA TRP A 613 -0.26 27.73 -7.28
C TRP A 613 -0.02 27.45 -8.76
N THR A 614 1.22 27.65 -9.21
CA THR A 614 1.58 27.42 -10.60
C THR A 614 3.05 27.04 -10.67
N VAL A 615 3.34 26.00 -11.47
CA VAL A 615 4.71 25.57 -11.73
C VAL A 615 4.93 25.66 -13.24
N LYS A 616 5.99 26.36 -13.63
CA LYS A 616 6.31 26.57 -15.04
C LYS A 616 7.67 25.96 -15.35
N ILE A 617 7.80 25.44 -16.58
CA ILE A 617 9.04 24.88 -17.08
C ILE A 617 9.45 25.69 -18.30
N LEU A 618 10.73 26.08 -18.35
CA LEU A 618 11.26 26.88 -19.43
C LEU A 618 12.48 26.18 -20.03
N HIS A 619 12.93 26.70 -21.18
CA HIS A 619 14.13 26.20 -21.86
C HIS A 619 14.82 27.42 -22.47
N HIS A 620 15.68 28.07 -21.68
CA HIS A 620 16.35 29.30 -22.11
C HIS A 620 15.32 30.39 -22.39
N TRP A 621 14.44 30.62 -21.42
CA TRP A 621 13.44 31.68 -21.50
C TRP A 621 12.28 31.30 -22.41
N VAL A 622 12.39 30.19 -23.12
CA VAL A 622 11.34 29.70 -24.01
C VAL A 622 10.36 28.90 -23.19
N PRO A 623 9.09 29.30 -23.06
CA PRO A 623 8.11 28.48 -22.34
C PRO A 623 8.01 27.09 -22.93
N VAL A 624 7.81 26.10 -22.06
CA VAL A 624 7.67 24.71 -22.48
C VAL A 624 6.28 24.22 -22.06
N ALA A 625 5.99 24.28 -20.76
CA ALA A 625 4.71 23.80 -20.24
C ALA A 625 4.48 24.43 -18.87
N GLU A 626 3.33 24.12 -18.28
CA GLU A 626 3.00 24.60 -16.95
C GLU A 626 1.91 23.70 -16.37
N THR A 627 1.84 23.67 -15.05
CA THR A 627 0.82 22.91 -14.33
C THR A 627 0.42 23.67 -13.08
N LYS A 628 -0.76 23.31 -12.54
CA LYS A 628 -1.36 24.02 -11.42
C LYS A 628 -1.77 23.04 -10.34
N PHE A 629 -1.64 23.45 -9.08
CA PHE A 629 -2.08 22.66 -7.95
C PHE A 629 -2.70 23.59 -6.91
N LEU A 630 -3.55 23.00 -6.06
CA LEU A 630 -4.34 23.75 -5.08
C LEU A 630 -3.78 23.54 -3.69
N VAL A 631 -3.56 24.64 -2.97
CA VAL A 631 -3.26 24.61 -1.54
C VAL A 631 -4.53 25.08 -0.84
N ALA A 632 -5.27 24.14 -0.27
CA ALA A 632 -6.60 24.43 0.23
C ALA A 632 -6.54 25.00 1.64
N PRO A 633 -7.24 26.11 1.91
CA PRO A 633 -7.33 26.58 3.30
C PRO A 633 -8.20 25.64 4.12
N LEU A 634 -7.83 25.45 5.38
CA LEU A 634 -8.47 24.47 6.24
C LEU A 634 -9.59 25.11 7.05
N THR A 635 -10.75 24.48 7.04
CA THR A 635 -11.88 24.85 7.88
C THR A 635 -11.95 24.05 9.16
N PHE A 636 -10.97 23.17 9.40
CA PHE A 636 -10.93 22.31 10.58
C PHE A 636 -9.57 22.40 11.25
N SER A 637 -9.59 22.48 12.58
CA SER A 637 -8.38 22.42 13.39
C SER A 637 -8.61 21.36 14.47
N ASN A 638 -7.80 20.30 14.44
CA ASN A 638 -8.00 19.16 15.34
C ASN A 638 -9.43 18.65 15.23
N ARG A 639 -9.91 18.52 13.99
CA ARG A 639 -11.26 18.02 13.70
C ARG A 639 -12.34 18.90 14.32
N GLN A 640 -12.05 20.17 14.53
CA GLN A 640 -13.03 21.12 15.04
C GLN A 640 -13.03 22.37 14.18
N PRO A 641 -14.16 23.08 14.12
CA PRO A 641 -14.22 24.31 13.32
C PRO A 641 -13.10 25.27 13.72
N ILE A 642 -12.33 25.70 12.71
CA ILE A 642 -11.14 26.49 12.97
C ILE A 642 -11.52 27.84 13.57
N LYS A 643 -10.69 28.32 14.49
CA LYS A 643 -10.91 29.60 15.14
C LYS A 643 -10.15 30.70 14.43
N PRO A 644 -10.52 31.97 14.66
CA PRO A 644 -9.83 33.06 13.95
C PRO A 644 -8.33 33.13 14.26
N GLU A 645 -7.95 32.93 15.52
CA GLU A 645 -6.54 32.95 15.88
C GLU A 645 -5.76 31.85 15.17
N GLU A 646 -6.43 30.74 14.84
CA GLU A 646 -5.79 29.68 14.07
C GLU A 646 -5.83 29.99 12.58
N ALA A 647 -7.02 30.30 12.04
CA ALA A 647 -7.14 30.63 10.63
C ALA A 647 -6.21 31.78 10.25
N LEU A 648 -6.11 32.79 11.12
CA LEU A 648 -5.19 33.89 10.89
C LEU A 648 -3.77 33.40 10.72
N LYS A 649 -3.29 32.59 11.67
CA LYS A 649 -1.91 32.16 11.71
C LYS A 649 -1.56 31.09 10.67
N LEU A 650 -2.54 30.61 9.90
CA LEU A 650 -2.32 29.52 8.98
C LEU A 650 -2.53 29.89 7.51
N HIS A 651 -3.42 30.83 7.22
CA HIS A 651 -3.80 31.14 5.85
C HIS A 651 -3.17 32.43 5.34
N ASN A 652 -2.08 32.88 5.97
CA ASN A 652 -1.48 34.18 5.65
C ASN A 652 0.04 34.01 5.45
N GLY A 653 0.42 33.19 4.49
CA GLY A 653 1.80 33.08 4.07
C GLY A 653 2.72 32.55 5.15
N PRO A 654 3.99 32.36 4.81
CA PRO A 654 4.94 31.79 5.78
C PRO A 654 5.22 32.74 6.93
N LEU A 655 5.73 32.16 8.02
CA LEU A 655 6.04 32.93 9.21
C LEU A 655 7.27 33.82 9.04
N ARG A 656 8.04 33.64 7.98
CA ARG A 656 9.23 34.44 7.72
C ARG A 656 9.02 35.47 6.61
N ASN A 657 7.78 35.70 6.20
CA ASN A 657 7.47 36.65 5.13
C ASN A 657 8.14 36.29 3.82
N ALA A 658 8.56 35.03 3.66
CA ALA A 658 9.24 34.59 2.46
C ALA A 658 9.38 33.07 2.51
N TYR A 659 9.40 32.45 1.33
CA TYR A 659 9.49 31.00 1.26
C TYR A 659 10.93 30.50 1.37
N MET A 660 11.89 31.28 0.87
CA MET A 660 13.30 30.94 0.99
C MET A 660 14.08 32.19 1.38
N GLU A 661 15.37 32.00 1.65
CA GLU A 661 16.23 33.14 1.97
C GLU A 661 16.56 33.95 0.71
N GLN A 662 16.81 33.26 -0.40
CA GLN A 662 17.09 33.93 -1.66
C GLN A 662 15.79 34.37 -2.32
N SER A 663 15.70 35.66 -2.63
CA SER A 663 14.51 36.23 -3.25
C SER A 663 14.59 36.12 -4.77
N PHE A 664 13.46 36.38 -5.42
CA PHE A 664 13.37 36.31 -6.89
C PHE A 664 12.48 37.42 -7.43
N GLN A 665 12.44 38.57 -6.77
CA GLN A 665 11.64 39.69 -7.25
C GLN A 665 12.11 40.18 -8.62
N SER A 666 13.32 39.80 -9.04
CA SER A 666 13.84 40.24 -10.33
C SER A 666 13.11 39.56 -11.49
N LEU A 667 12.75 38.29 -11.32
CA LEU A 667 12.16 37.54 -12.42
C LEU A 667 10.71 37.92 -12.69
N ASN A 668 10.03 38.56 -11.74
CA ASN A 668 8.62 38.88 -11.93
C ASN A 668 8.38 39.72 -13.17
N PRO A 669 9.01 40.89 -13.33
CA PRO A 669 8.78 41.66 -14.57
C PRO A 669 9.17 40.92 -15.83
N VAL A 670 10.15 40.02 -15.76
CA VAL A 670 10.66 39.33 -16.96
C VAL A 670 9.81 38.11 -17.27
N LEU A 671 8.66 37.97 -16.59
CA LEU A 671 7.76 36.87 -16.86
C LEU A 671 6.30 37.31 -16.92
N SER A 672 6.03 38.61 -16.96
CA SER A 672 4.67 39.13 -16.96
C SER A 672 3.89 38.58 -15.76
N LEU A 673 4.52 38.67 -14.59
CA LEU A 673 3.93 38.22 -13.32
C LEU A 673 3.83 39.38 -12.35
N PRO A 674 3.13 40.45 -12.72
CA PRO A 674 2.99 41.59 -11.80
C PRO A 674 2.14 41.23 -10.60
N ILE A 675 2.50 41.81 -9.47
CA ILE A 675 1.80 41.59 -8.20
C ILE A 675 0.78 42.70 -8.02
N ASN A 676 -0.49 42.33 -7.92
CA ASN A 676 -1.57 43.30 -7.82
C ASN A 676 -1.74 43.71 -6.35
N PRO A 677 -1.69 45.00 -6.02
CA PRO A 677 -1.90 45.40 -4.62
C PRO A 677 -3.28 45.04 -4.09
N ALA A 678 -4.25 44.75 -4.95
CA ALA A 678 -5.59 44.41 -4.50
C ALA A 678 -5.69 42.94 -4.12
N GLN A 679 -5.16 42.05 -4.97
CA GLN A 679 -5.21 40.62 -4.68
C GLN A 679 -4.40 40.29 -3.42
N VAL A 680 -3.25 40.94 -3.24
CA VAL A 680 -2.48 40.76 -2.02
C VAL A 680 -3.29 41.25 -0.81
N GLU A 681 -4.02 42.36 -0.98
CA GLU A 681 -4.91 42.84 0.07
C GLU A 681 -6.01 41.82 0.34
N GLN A 682 -6.67 41.34 -0.72
CA GLN A 682 -7.75 40.37 -0.54
C GLN A 682 -7.25 39.07 0.06
N ALA A 683 -6.00 38.70 -0.21
CA ALA A 683 -5.42 37.50 0.40
C ALA A 683 -5.23 37.69 1.90
N ARG A 684 -4.88 38.91 2.33
CA ARG A 684 -4.75 39.19 3.75
C ARG A 684 -6.12 39.27 4.42
N ARG A 685 -7.13 39.75 3.70
CA ARG A 685 -8.49 39.76 4.23
C ARG A 685 -9.09 38.37 4.25
N ASN A 686 -8.71 37.52 3.29
CA ASN A 686 -9.17 36.14 3.29
C ASN A 686 -8.61 35.37 4.49
N ALA A 687 -7.34 35.61 4.83
CA ALA A 687 -6.72 34.89 5.93
C ALA A 687 -7.51 35.05 7.23
N ALA A 688 -8.19 36.18 7.40
CA ALA A 688 -8.91 36.45 8.65
C ALA A 688 -10.27 35.78 8.70
N SER A 689 -10.83 35.39 7.56
CA SER A 689 -12.21 34.89 7.53
C SER A 689 -12.32 33.53 8.22
N THR A 690 -13.49 33.28 8.80
CA THR A 690 -13.81 31.99 9.39
C THR A 690 -15.29 31.70 9.16
N GLY A 691 -15.64 30.43 9.29
CA GLY A 691 -17.05 30.06 9.19
C GLY A 691 -17.58 30.25 7.78
N THR A 692 -18.69 30.98 7.67
CA THR A 692 -19.39 31.12 6.39
C THR A 692 -18.46 31.73 5.35
N ALA A 693 -17.86 32.88 5.65
CA ALA A 693 -16.96 33.52 4.68
C ALA A 693 -15.82 32.59 4.28
N LEU A 694 -15.27 31.85 5.24
CA LEU A 694 -14.19 30.92 4.93
C LEU A 694 -14.69 29.76 4.07
N GLU A 695 -15.95 29.35 4.27
CA GLU A 695 -16.52 28.32 3.43
C GLU A 695 -16.65 28.78 1.98
N GLY A 696 -17.05 30.04 1.77
CA GLY A 696 -17.15 30.56 0.43
C GLY A 696 -15.81 30.68 -0.26
N TRP A 697 -14.75 30.97 0.51
CA TRP A 697 -13.41 31.03 -0.06
C TRP A 697 -12.96 29.66 -0.55
N LEU A 698 -13.04 28.64 0.31
CA LEU A 698 -12.62 27.31 -0.06
C LEU A 698 -13.42 26.77 -1.24
N ASP A 699 -14.75 26.75 -1.11
CA ASP A 699 -15.59 26.17 -2.16
C ASP A 699 -15.35 26.84 -3.50
N SER A 700 -15.02 28.14 -3.49
CA SER A 700 -14.70 28.82 -4.74
C SER A 700 -13.42 28.29 -5.35
N LEU A 701 -12.44 27.91 -4.52
CA LEU A 701 -11.20 27.33 -5.03
C LEU A 701 -11.42 25.91 -5.53
N VAL A 702 -12.08 25.07 -4.73
CA VAL A 702 -12.39 23.72 -5.16
C VAL A 702 -13.21 23.75 -6.45
N GLY A 703 -14.20 24.64 -6.51
CA GLY A 703 -15.02 24.72 -7.72
C GLY A 703 -14.20 25.00 -8.96
N GLY A 704 -13.19 25.85 -8.84
CA GLY A 704 -12.34 26.17 -9.96
C GLY A 704 -11.31 25.12 -10.32
N MET A 705 -11.22 24.04 -9.54
CA MET A 705 -10.25 22.98 -9.78
C MET A 705 -10.84 21.58 -9.79
N TRP A 706 -12.12 21.41 -9.42
CA TRP A 706 -12.78 20.12 -9.45
C TRP A 706 -14.16 20.26 -10.08
N THR A 707 -14.64 19.17 -10.68
CA THR A 707 -15.94 19.14 -11.34
C THR A 707 -16.79 18.05 -10.71
N ALA A 708 -17.99 18.41 -10.28
CA ALA A 708 -18.97 17.43 -9.83
C ALA A 708 -19.56 16.76 -11.07
N MET A 709 -19.15 15.52 -11.34
CA MET A 709 -19.54 14.86 -12.57
C MET A 709 -20.98 14.36 -12.52
N ASP A 710 -21.41 13.85 -11.36
CA ASP A 710 -22.77 13.34 -11.23
C ASP A 710 -23.03 13.10 -9.75
N ILE A 711 -24.31 12.89 -9.42
CA ILE A 711 -24.72 12.58 -8.04
C ILE A 711 -25.92 11.65 -8.11
N CYS A 712 -25.92 10.64 -7.25
CA CYS A 712 -26.98 9.64 -7.20
C CYS A 712 -27.49 9.51 -5.77
N ALA A 713 -28.71 8.99 -5.64
CA ALA A 713 -29.32 8.71 -4.35
C ALA A 713 -29.31 7.21 -4.11
N THR A 714 -29.10 6.83 -2.85
CA THR A 714 -29.05 5.41 -2.50
C THR A 714 -30.45 4.84 -2.29
N GLY A 715 -31.32 5.60 -1.63
CA GLY A 715 -32.69 5.18 -1.39
C GLY A 715 -33.68 6.12 -2.05
N PRO A 716 -34.90 6.17 -1.51
CA PRO A 716 -35.92 7.08 -2.09
C PRO A 716 -35.46 8.52 -2.03
N THR A 717 -35.86 9.29 -3.05
CA THR A 717 -35.48 10.69 -3.18
C THR A 717 -36.62 11.47 -3.78
N ALA A 718 -36.68 12.76 -3.44
CA ALA A 718 -37.69 13.67 -3.97
C ALA A 718 -37.20 14.44 -5.19
N CYS A 719 -35.90 14.39 -5.49
CA CYS A 719 -35.35 15.07 -6.66
C CYS A 719 -35.61 14.22 -7.89
N PRO A 720 -36.43 14.69 -8.84
CA PRO A 720 -36.81 13.84 -9.99
C PRO A 720 -35.70 13.60 -10.99
N VAL A 721 -34.60 14.34 -10.92
CA VAL A 721 -33.50 14.19 -11.86
C VAL A 721 -32.32 13.47 -11.23
N MET A 722 -32.57 12.68 -10.19
CA MET A 722 -31.53 11.96 -9.46
C MET A 722 -31.70 10.47 -9.70
N GLN A 723 -30.68 9.84 -10.27
CA GLN A 723 -30.73 8.41 -10.53
C GLN A 723 -30.32 7.63 -9.29
N THR A 724 -30.78 6.38 -9.22
CA THR A 724 -30.43 5.50 -8.12
C THR A 724 -29.01 4.99 -8.29
N CYS A 725 -28.24 4.98 -7.19
CA CYS A 725 -26.82 4.66 -7.29
C CYS A 725 -26.60 3.26 -7.87
N SER A 726 -27.46 2.31 -7.51
CA SER A 726 -27.29 0.94 -7.99
C SER A 726 -27.52 0.83 -9.49
N GLN A 727 -28.15 1.82 -10.12
CA GLN A 727 -28.43 1.79 -11.54
C GLN A 727 -27.40 2.56 -12.36
N THR A 728 -26.40 3.15 -11.73
CA THR A 728 -25.37 3.91 -12.43
C THR A 728 -24.20 2.99 -12.80
N ALA A 729 -23.26 3.55 -13.55
CA ALA A 729 -22.06 2.84 -13.96
C ALA A 729 -20.84 3.19 -13.10
N TRP A 730 -20.89 4.30 -12.37
CA TRP A 730 -19.75 4.80 -11.63
C TRP A 730 -19.84 4.63 -10.12
N SER A 731 -21.03 4.37 -9.59
CA SER A 731 -21.21 4.32 -8.15
C SER A 731 -20.59 3.06 -7.56
N SER A 732 -20.14 3.17 -6.31
CA SER A 732 -19.69 2.00 -5.57
C SER A 732 -20.86 1.10 -5.18
N PHE A 733 -22.09 1.53 -5.42
CA PHE A 733 -23.28 0.70 -5.24
C PHE A 733 -23.66 -0.07 -6.50
N SER A 734 -23.03 0.23 -7.64
CA SER A 734 -23.35 -0.44 -8.88
C SER A 734 -22.80 -1.87 -8.86
N PRO A 735 -23.38 -2.77 -9.64
CA PRO A 735 -22.93 -4.17 -9.61
C PRO A 735 -21.48 -4.29 -10.07
N ASP A 736 -20.76 -5.21 -9.42
CA ASP A 736 -19.35 -5.47 -9.72
C ASP A 736 -19.09 -6.97 -9.58
N PRO A 737 -19.69 -7.78 -10.45
CA PRO A 737 -19.67 -9.24 -10.23
C PRO A 737 -18.28 -9.84 -10.13
N LYS A 738 -17.28 -9.29 -10.82
CA LYS A 738 -15.95 -9.87 -10.79
C LYS A 738 -15.35 -9.89 -9.39
N SER A 739 -15.90 -9.12 -8.46
CA SER A 739 -15.43 -9.10 -7.08
C SER A 739 -16.49 -9.54 -6.09
N GLU A 740 -17.65 -9.98 -6.56
CA GLU A 740 -18.76 -10.36 -5.69
C GLU A 740 -18.73 -11.86 -5.45
N LEU A 741 -18.96 -12.26 -4.20
CA LEU A 741 -18.89 -13.65 -3.79
C LEU A 741 -20.29 -14.15 -3.49
N GLY A 742 -20.70 -15.22 -4.17
CA GLY A 742 -22.02 -15.79 -3.98
C GLY A 742 -22.00 -17.22 -3.52
N ALA A 743 -22.95 -18.01 -3.98
CA ALA A 743 -23.09 -19.40 -3.56
C ALA A 743 -22.08 -20.28 -4.30
N VAL A 744 -21.77 -21.41 -3.68
CA VAL A 744 -20.84 -22.38 -4.27
C VAL A 744 -21.56 -23.18 -5.34
N LYS A 745 -20.82 -23.58 -6.35
CA LYS A 745 -21.33 -24.29 -7.51
C LYS A 745 -21.02 -25.78 -7.42
N PRO A 746 -21.63 -26.61 -8.27
CA PRO A 746 -21.40 -28.06 -8.18
C PRO A 746 -19.93 -28.46 -8.25
N ASP A 747 -19.13 -27.77 -9.04
CA ASP A 747 -17.71 -28.06 -9.15
C ASP A 747 -16.89 -27.58 -7.95
N GLY A 748 -17.55 -27.16 -6.88
CA GLY A 748 -16.86 -26.66 -5.70
C GLY A 748 -16.24 -25.30 -5.87
N ARG A 749 -16.57 -24.57 -6.93
CA ARG A 749 -15.92 -23.32 -7.28
C ARG A 749 -16.83 -22.14 -7.02
N LEU A 750 -16.24 -20.95 -7.07
CA LEU A 750 -16.96 -19.69 -7.03
C LEU A 750 -16.82 -18.89 -8.32
N ARG A 751 -15.62 -18.87 -8.90
CA ARG A 751 -15.37 -18.18 -10.15
C ARG A 751 -16.09 -18.89 -11.30
N GLU B 2 13.99 -14.02 -10.14
CA GLU B 2 15.31 -14.61 -10.42
C GLU B 2 16.12 -14.73 -9.13
N GLU B 3 16.60 -13.61 -8.62
CA GLU B 3 17.35 -13.59 -7.37
C GLU B 3 16.38 -13.48 -6.19
N GLU B 4 16.92 -13.71 -4.99
CA GLU B 4 16.12 -13.68 -3.78
C GLU B 4 16.89 -12.95 -2.68
N GLY B 5 16.16 -12.56 -1.64
CA GLY B 5 16.71 -11.75 -0.57
C GLY B 5 16.16 -10.34 -0.61
N SER B 6 15.36 -9.95 0.38
CA SER B 6 14.70 -8.66 0.37
C SER B 6 15.54 -7.54 0.96
N ALA B 7 16.54 -7.86 1.78
CA ALA B 7 17.37 -6.83 2.38
C ALA B 7 18.38 -6.30 1.39
N GLY B 8 18.54 -4.97 1.36
CA GLY B 8 19.51 -4.34 0.51
C GLY B 8 20.87 -4.20 1.17
N GLY B 9 20.86 -3.88 2.46
CA GLY B 9 22.08 -3.73 3.22
C GLY B 9 21.93 -2.64 4.26
N GLN B 10 23.04 -2.39 4.96
CA GLN B 10 23.06 -1.33 5.97
C GLN B 10 22.90 0.04 5.33
N GLY B 11 23.47 0.23 4.14
CA GLY B 11 23.37 1.49 3.44
C GLY B 11 23.34 1.30 1.94
P PO4 C . 5.07 -6.68 0.24
O1 PO4 C . 5.25 -7.42 1.54
O2 PO4 C . 4.96 -5.20 0.50
O3 PO4 C . 3.81 -7.15 -0.44
O4 PO4 C . 6.25 -6.94 -0.67
#